data_7U1T
#
_entry.id   7U1T
#
_cell.length_a   1.00
_cell.length_b   1.00
_cell.length_c   1.00
_cell.angle_alpha   90.00
_cell.angle_beta   90.00
_cell.angle_gamma   90.00
#
_symmetry.space_group_name_H-M   'P 1'
#
loop_
_entity.id
_entity.type
_entity.pdbx_description
1 polymer 'Epstein-Barr nuclear antigen 1'
2 polymer 'DNA (59-MER)'
3 polymer 'DNA (59-MER)'
#
loop_
_entity_poly.entity_id
_entity_poly.type
_entity_poly.pdbx_seq_one_letter_code
_entity_poly.pdbx_strand_id
1 'polypeptide(L)'
;PADDPGEGPSTGPRGQGDGGRRKKGGWFGKHRGQGGSNPKFENIAEGLRALLARSHVERTTDEGTWVAGVFVYGGSKTSL
YNLRRGTALAIPQCRLTPLSRLPFGMAPGPGPQPGPLRESIVCYFMVFLQTHIFAEVLKDAIKDLVMTKPAPTCNIRVTV
CSFDDGVDLPPWFPPMVE
;
A,B,C,D
2 'polydeoxyribonucleotide'
;(DT)(DA)(DA)(DC)(DC)(DC)(DT)(DA)(DA)(DT)(DT)(DC)(DG)(DA)(DT)(DA)(DG)(DC)(DA)(DT)
(DA)(DT)(DG)(DC)(DT)(DT)(DC)(DC)(DC)(DG)(DT)(DT)(DG)(DG)(DG)(DT)(DA)(DA)(DC)(DA)
(DT)(DA)(DT)(DG)(DC)(DT)(DA)(DT)(DT)(DG)(DA)(DA)(DT)(DT)(DA)(DG)(DG)(DG)(DT)
;
E
3 'polydeoxyribonucleotide'
;(DA)(DC)(DC)(DC)(DT)(DA)(DA)(DT)(DT)(DC)(DA)(DA)(DT)(DA)(DG)(DC)(DA)(DT)(DA)(DT)
(DG)(DT)(DT)(DA)(DC)(DC)(DC)(DA)(DA)(DC)(DG)(DG)(DG)(DA)(DA)(DG)(DC)(DA)(DT)(DA)
(DT)(DG)(DC)(DT)(DA)(DT)(DC)(DG)(DA)(DA)(DT)(DT)(DA)(DG)(DG)(DG)(DT)(DT)(DA)
;
F
#
loop_
_chem_comp.id
_chem_comp.type
_chem_comp.name
_chem_comp.formula
DA DNA linking 2'-DEOXYADENOSINE-5'-MONOPHOSPHATE 'C10 H14 N5 O6 P'
DC DNA linking 2'-DEOXYCYTIDINE-5'-MONOPHOSPHATE 'C9 H14 N3 O7 P'
DG DNA linking 2'-DEOXYGUANOSINE-5'-MONOPHOSPHATE 'C10 H14 N5 O7 P'
DT DNA linking THYMIDINE-5'-MONOPHOSPHATE 'C10 H15 N2 O8 P'
#
# COMPACT_ATOMS: atom_id res chain seq x y z
N PRO A 1 6.83 32.27 18.54
CA PRO A 1 5.65 32.27 17.67
C PRO A 1 6.04 32.53 16.21
N ALA A 2 6.96 31.73 15.67
CA ALA A 2 7.45 31.95 14.29
C ALA A 2 6.26 32.33 13.40
N ASP A 3 6.35 33.46 12.69
CA ASP A 3 5.23 33.94 11.83
C ASP A 3 4.31 32.77 11.48
N ASP A 4 3.19 32.62 12.20
CA ASP A 4 2.25 31.49 11.96
C ASP A 4 1.03 31.63 12.88
N PRO A 5 1.20 31.77 14.22
CA PRO A 5 0.06 31.81 15.14
C PRO A 5 -0.89 32.99 14.88
N GLY A 6 -2.15 32.86 15.29
CA GLY A 6 -3.15 33.93 15.07
C GLY A 6 -2.82 35.20 15.82
N GLU A 7 -3.18 36.35 15.25
CA GLU A 7 -2.94 37.67 15.93
C GLU A 7 -1.45 37.86 16.18
N GLY A 8 -1.09 38.62 17.21
CA GLY A 8 0.33 38.87 17.54
C GLY A 8 0.88 40.03 16.75
N PRO A 9 1.85 40.81 17.28
CA PRO A 9 2.47 41.90 16.53
C PRO A 9 3.59 41.34 15.62
N SER A 10 3.25 40.31 14.83
CA SER A 10 4.26 39.67 13.93
C SER A 10 3.56 38.58 13.10
N THR A 11 4.01 37.33 13.22
CA THR A 11 3.36 36.22 12.48
C THR A 11 3.13 36.66 11.03
N GLY A 12 1.89 36.49 10.54
CA GLY A 12 1.59 36.85 9.13
C GLY A 12 0.37 36.11 8.60
N PRO A 13 0.38 34.77 8.55
CA PRO A 13 -0.73 34.02 7.97
C PRO A 13 -2.04 34.27 8.75
N ARG A 14 -1.95 34.31 10.08
CA ARG A 14 -3.13 34.56 10.93
C ARG A 14 -2.86 35.77 11.84
N GLY A 15 -3.76 36.74 11.86
CA GLY A 15 -3.61 37.92 12.75
C GLY A 15 -2.84 39.04 12.10
N GLN A 16 -2.57 40.11 12.86
CA GLN A 16 -1.84 41.29 12.32
C GLN A 16 -0.33 41.03 12.39
N GLY A 17 0.48 42.03 12.06
CA GLY A 17 1.95 41.89 12.10
C GLY A 17 2.53 41.64 10.72
N ASP A 18 3.46 42.49 10.28
CA ASP A 18 4.08 42.35 8.95
C ASP A 18 4.78 40.99 8.87
N GLY A 19 5.45 40.58 9.95
CA GLY A 19 6.14 39.28 9.98
C GLY A 19 7.63 39.42 9.78
N GLY A 20 8.24 38.50 9.02
CA GLY A 20 9.70 38.52 8.82
C GLY A 20 10.41 37.70 9.87
N ARG A 21 9.77 37.52 11.03
CA ARG A 21 10.35 36.68 12.12
C ARG A 21 9.78 35.27 12.01
N ARG A 22 10.26 34.48 11.05
CA ARG A 22 9.71 33.11 10.82
C ARG A 22 10.87 32.14 10.55
N LYS A 23 10.86 30.98 11.20
CA LYS A 23 11.92 29.96 10.96
C LYS A 23 13.26 30.66 10.72
N LYS A 24 13.82 31.28 11.76
CA LYS A 24 15.13 31.96 11.64
C LYS A 24 16.24 30.97 12.04
N GLY A 25 17.09 30.60 11.09
CA GLY A 25 18.17 29.64 11.39
C GLY A 25 18.97 30.05 12.61
N GLY A 26 19.13 29.15 13.58
CA GLY A 26 19.92 29.45 14.79
C GLY A 26 20.43 28.18 15.45
N TRP A 27 20.44 27.07 14.70
CA TRP A 27 20.88 25.76 15.26
C TRP A 27 19.85 25.25 16.27
N PHE A 28 19.15 24.17 15.93
CA PHE A 28 18.08 23.63 16.83
C PHE A 28 18.72 22.70 17.87
N GLY A 29 20.02 22.85 18.10
CA GLY A 29 20.71 22.03 19.13
C GLY A 29 20.97 20.62 18.66
N LYS A 30 19.93 19.90 18.24
CA LYS A 30 20.10 18.49 17.83
C LYS A 30 21.20 18.40 16.76
N HIS A 31 22.23 17.58 17.02
CA HIS A 31 23.36 17.44 16.06
C HIS A 31 23.07 16.30 15.08
N ARG A 32 24.00 16.05 14.15
CA ARG A 32 23.83 14.92 13.20
C ARG A 32 23.73 13.62 13.99
N GLY A 33 22.72 12.78 13.68
CA GLY A 33 22.58 11.48 14.37
C GLY A 33 21.50 11.54 15.44
N GLN A 34 21.07 12.73 15.84
CA GLN A 34 20.01 12.88 16.86
C GLN A 34 18.93 13.83 16.35
N GLY A 35 17.69 13.33 16.18
CA GLY A 35 16.58 14.18 15.70
C GLY A 35 15.28 13.84 16.40
N GLY A 36 14.36 14.80 16.48
CA GLY A 36 13.07 14.57 17.18
C GLY A 36 12.08 13.80 16.31
N SER A 37 11.14 13.10 16.93
CA SER A 37 10.13 12.32 16.17
C SER A 37 9.02 13.25 15.68
N ASN A 38 9.23 13.90 14.54
CA ASN A 38 8.23 14.85 14.00
C ASN A 38 6.94 14.11 13.67
N PRO A 39 5.75 14.74 13.81
CA PRO A 39 4.47 14.06 13.57
C PRO A 39 4.43 13.42 12.18
N LYS A 40 4.91 14.13 11.16
CA LYS A 40 4.93 13.57 9.78
C LYS A 40 5.80 12.32 9.76
N PHE A 41 6.99 12.39 10.38
CA PHE A 41 7.92 11.23 10.39
C PHE A 41 7.25 10.04 11.07
N GLU A 42 6.67 10.26 12.25
CA GLU A 42 5.99 9.16 12.98
C GLU A 42 4.75 8.72 12.21
N ASN A 43 4.08 9.67 11.53
CA ASN A 43 2.91 9.30 10.68
C ASN A 43 3.40 8.35 9.59
N ILE A 44 4.49 8.71 8.91
CA ILE A 44 5.07 7.81 7.86
C ILE A 44 5.48 6.52 8.54
N ALA A 45 6.10 6.62 9.73
CA ALA A 45 6.54 5.42 10.48
C ALA A 45 5.32 4.50 10.72
N GLU A 46 4.17 5.10 11.03
CA GLU A 46 2.94 4.31 11.30
C GLU A 46 2.60 3.50 10.06
N GLY A 47 2.58 4.14 8.88
CA GLY A 47 2.31 3.41 7.63
C GLY A 47 3.34 2.31 7.40
N LEU A 48 4.62 2.64 7.61
CA LEU A 48 5.71 1.65 7.38
C LEU A 48 5.50 0.46 8.31
N ARG A 49 5.29 0.71 9.61
CA ARG A 49 5.14 -0.39 10.59
C ARG A 49 3.85 -1.17 10.28
N ALA A 50 2.83 -0.48 9.78
CA ALA A 50 1.57 -1.19 9.40
C ALA A 50 1.89 -2.20 8.30
N LEU A 51 2.62 -1.76 7.26
CA LEU A 51 3.02 -2.69 6.17
C LEU A 51 4.00 -3.73 6.73
N LEU A 52 4.85 -3.32 7.69
CA LEU A 52 5.77 -4.28 8.34
C LEU A 52 4.94 -5.35 9.04
N ALA A 53 3.83 -4.94 9.65
CA ALA A 53 2.93 -5.90 10.34
C ALA A 53 2.39 -6.90 9.31
N ARG A 54 2.12 -6.43 8.09
CA ARG A 54 1.64 -7.34 7.01
C ARG A 54 2.51 -8.60 7.01
N SER A 55 3.81 -8.44 7.27
CA SER A 55 4.74 -9.60 7.33
C SER A 55 5.56 -9.54 8.62
N HIS A 56 4.95 -9.86 9.76
CA HIS A 56 5.68 -9.83 11.06
C HIS A 56 6.95 -10.69 10.95
N VAL A 57 8.10 -10.12 11.30
CA VAL A 57 9.40 -10.85 11.23
C VAL A 57 10.30 -10.37 12.37
N GLU A 58 11.39 -11.09 12.64
CA GLU A 58 12.34 -10.69 13.71
C GLU A 58 12.86 -9.29 13.39
N ARG A 59 13.07 -8.46 14.42
CA ARG A 59 13.51 -7.06 14.20
C ARG A 59 14.98 -6.91 14.61
N THR A 60 15.58 -7.98 15.13
CA THR A 60 16.99 -7.90 15.60
C THR A 60 17.66 -9.27 15.45
N THR A 61 18.99 -9.33 15.61
CA THR A 61 19.73 -10.62 15.50
C THR A 61 20.52 -10.84 16.79
N ASP A 62 20.65 -12.10 17.22
CA ASP A 62 21.39 -12.42 18.47
C ASP A 62 22.82 -11.88 18.34
N GLU A 63 23.45 -12.08 17.18
CA GLU A 63 24.82 -11.56 16.95
C GLU A 63 24.80 -10.04 17.10
N GLY A 64 23.74 -9.40 16.61
CA GLY A 64 23.65 -7.92 16.66
C GLY A 64 24.45 -7.30 15.53
N THR A 65 25.09 -8.14 14.71
CA THR A 65 25.91 -7.63 13.57
C THR A 65 24.99 -7.13 12.45
N TRP A 66 25.29 -5.94 11.91
CA TRP A 66 24.48 -5.39 10.79
C TRP A 66 25.00 -5.98 9.48
N VAL A 67 25.07 -7.30 9.37
CA VAL A 67 25.63 -7.96 8.15
C VAL A 67 24.66 -7.73 6.99
N ALA A 68 23.41 -7.34 7.28
CA ALA A 68 22.41 -7.10 6.23
C ALA A 68 22.02 -5.62 6.21
N GLY A 69 21.51 -5.14 5.07
CA GLY A 69 21.10 -3.72 4.95
C GLY A 69 20.16 -3.53 3.77
N VAL A 70 19.74 -2.28 3.53
CA VAL A 70 18.87 -1.98 2.35
C VAL A 70 19.34 -0.67 1.72
N PHE A 71 19.13 -0.51 0.41
CA PHE A 71 19.60 0.71 -0.31
C PHE A 71 18.41 1.53 -0.79
N VAL A 72 18.21 2.72 -0.20
CA VAL A 72 17.11 3.61 -0.65
C VAL A 72 17.71 4.67 -1.58
N TYR A 73 17.06 4.95 -2.71
CA TYR A 73 17.62 5.92 -3.69
C TYR A 73 16.49 6.52 -4.54
N GLY A 74 16.85 7.38 -5.49
CA GLY A 74 15.83 8.00 -6.37
C GLY A 74 14.95 8.96 -5.60
N GLY A 75 13.71 9.14 -6.06
CA GLY A 75 12.77 10.06 -5.39
C GLY A 75 13.34 11.47 -5.29
N SER A 76 13.28 12.06 -4.10
CA SER A 76 13.78 13.44 -3.90
C SER A 76 14.43 13.58 -2.51
N LYS A 77 15.37 14.50 -2.36
CA LYS A 77 16.10 14.65 -1.07
C LYS A 77 15.08 14.78 0.07
N THR A 78 14.10 15.67 -0.09
CA THR A 78 13.08 15.89 0.98
C THR A 78 12.36 14.57 1.27
N SER A 79 11.87 13.91 0.21
CA SER A 79 11.12 12.63 0.38
C SER A 79 12.04 11.59 1.04
N LEU A 80 13.28 11.46 0.56
CA LEU A 80 14.23 10.47 1.11
C LEU A 80 14.47 10.78 2.60
N TYR A 81 14.68 12.06 2.93
CA TYR A 81 14.96 12.45 4.33
C TYR A 81 13.74 12.10 5.20
N ASN A 82 12.54 12.45 4.74
CA ASN A 82 11.31 12.15 5.52
C ASN A 82 11.20 10.63 5.70
N LEU A 83 11.45 9.87 4.64
CA LEU A 83 11.39 8.39 4.72
C LEU A 83 12.41 7.90 5.75
N ARG A 84 13.63 8.46 5.71
CA ARG A 84 14.70 8.05 6.65
C ARG A 84 14.22 8.27 8.09
N ARG A 85 13.69 9.47 8.38
CA ARG A 85 13.24 9.78 9.76
C ARG A 85 12.12 8.81 10.15
N GLY A 86 11.15 8.61 9.26
CA GLY A 86 10.05 7.66 9.54
C GLY A 86 10.57 6.26 9.73
N THR A 87 11.54 5.84 8.92
CA THR A 87 12.14 4.49 9.04
C THR A 87 12.75 4.33 10.43
N ALA A 88 13.44 5.37 10.91
CA ALA A 88 14.07 5.31 12.25
C ALA A 88 12.98 5.09 13.30
N LEU A 89 11.89 5.87 13.22
CA LEU A 89 10.79 5.75 14.22
C LEU A 89 10.10 4.40 14.06
N ALA A 90 9.76 4.02 12.82
CA ALA A 90 9.07 2.74 12.57
C ALA A 90 9.99 1.57 12.94
N ILE A 91 11.26 1.67 12.57
CA ILE A 91 12.23 0.56 12.86
C ILE A 91 13.28 1.09 13.84
N PRO A 92 13.08 0.94 15.17
CA PRO A 92 14.08 1.37 16.16
C PRO A 92 15.31 0.47 16.10
N GLN A 93 15.12 -0.82 15.79
CA GLN A 93 16.26 -1.79 15.73
C GLN A 93 16.91 -1.71 14.34
N CYS A 94 17.50 -0.55 14.01
CA CYS A 94 18.17 -0.39 12.69
C CYS A 94 19.21 0.73 12.79
N ARG A 95 20.12 0.83 11.81
CA ARG A 95 21.11 1.93 11.79
C ARG A 95 20.97 2.69 10.48
N LEU A 96 20.81 4.01 10.54
CA LEU A 96 20.58 4.82 9.32
C LEU A 96 21.81 5.69 9.03
N THR A 97 22.05 6.02 7.76
CA THR A 97 23.22 6.85 7.39
C THR A 97 22.74 8.20 6.83
N PRO A 98 23.50 9.31 7.01
CA PRO A 98 23.12 10.60 6.42
C PRO A 98 22.96 10.46 4.90
N LEU A 99 21.97 11.13 4.33
CA LEU A 99 21.72 11.02 2.86
C LEU A 99 22.97 11.45 2.08
N SER A 100 23.34 10.68 1.05
CA SER A 100 24.54 11.01 0.24
C SER A 100 24.17 10.95 -1.25
N ARG A 101 25.06 11.41 -2.13
CA ARG A 101 24.76 11.46 -3.59
C ARG A 101 25.45 10.31 -4.32
N LEU A 102 24.73 9.61 -5.20
CA LEU A 102 25.31 8.48 -5.97
C LEU A 102 26.24 9.03 -7.06
N PRO A 103 27.17 8.22 -7.62
CA PRO A 103 28.02 8.67 -8.73
C PRO A 103 27.26 8.61 -10.06
N PHE A 104 27.73 9.35 -11.06
CA PHE A 104 27.08 9.33 -12.40
C PHE A 104 27.20 7.93 -13.01
N GLY A 105 26.12 7.42 -13.59
CA GLY A 105 26.13 6.07 -14.20
C GLY A 105 26.81 6.08 -15.55
N MET A 106 27.06 4.89 -16.13
CA MET A 106 27.77 4.79 -17.43
C MET A 106 27.11 5.73 -18.45
N ALA A 107 27.93 6.47 -19.20
CA ALA A 107 27.40 7.41 -20.23
C ALA A 107 26.62 6.61 -21.28
N PRO A 108 25.52 7.17 -21.84
CA PRO A 108 24.69 6.44 -22.81
C PRO A 108 25.48 5.95 -24.02
N GLY A 109 25.28 4.69 -24.42
CA GLY A 109 25.96 4.15 -25.63
C GLY A 109 27.47 4.19 -25.51
N PRO A 110 28.21 4.33 -26.62
CA PRO A 110 29.68 4.32 -26.59
C PRO A 110 30.23 5.72 -26.23
N GLY A 111 29.34 6.68 -25.98
CA GLY A 111 29.77 8.04 -25.61
C GLY A 111 30.73 8.01 -24.45
N PRO A 112 31.71 8.95 -24.36
CA PRO A 112 32.71 8.92 -23.30
C PRO A 112 32.03 8.74 -21.94
N GLN A 113 32.38 7.67 -21.22
CA GLN A 113 31.72 7.38 -19.91
C GLN A 113 32.19 8.42 -18.89
N PRO A 114 31.40 8.71 -17.83
CA PRO A 114 31.83 9.66 -16.79
C PRO A 114 33.01 9.08 -16.00
N GLY A 115 33.87 9.94 -15.47
CA GLY A 115 35.05 9.47 -14.70
C GLY A 115 34.63 8.60 -13.53
N PRO A 116 35.46 7.62 -13.10
CA PRO A 116 35.14 6.80 -11.93
C PRO A 116 35.29 7.61 -10.64
N LEU A 117 34.70 8.81 -10.60
CA LEU A 117 34.77 9.68 -9.40
C LEU A 117 33.68 10.75 -9.51
N ARG A 118 32.87 10.69 -10.57
CA ARG A 118 31.78 11.68 -10.78
C ARG A 118 30.71 11.48 -9.71
N GLU A 119 29.97 12.53 -9.36
CA GLU A 119 28.93 12.45 -8.30
C GLU A 119 27.58 12.88 -8.86
N SER A 120 26.71 11.92 -9.19
CA SER A 120 25.36 12.24 -9.74
C SER A 120 24.52 12.92 -8.66
N ILE A 121 23.55 13.76 -9.07
CA ILE A 121 22.68 14.49 -8.10
C ILE A 121 21.85 13.47 -7.32
N VAL A 122 21.61 12.30 -7.90
CA VAL A 122 20.76 11.26 -7.24
C VAL A 122 21.25 11.08 -5.79
N CYS A 123 20.33 11.16 -4.83
CA CYS A 123 20.70 10.96 -3.39
C CYS A 123 20.34 9.53 -2.97
N TYR A 124 21.15 8.93 -2.10
CA TYR A 124 20.90 7.53 -1.66
C TYR A 124 20.93 7.47 -0.13
N PHE A 125 20.27 6.46 0.44
CA PHE A 125 20.22 6.31 1.92
C PHE A 125 20.37 4.83 2.27
N MET A 126 21.06 4.52 3.37
CA MET A 126 21.31 3.11 3.75
C MET A 126 20.62 2.78 5.08
N VAL A 127 20.09 1.55 5.21
CA VAL A 127 19.46 1.12 6.49
C VAL A 127 20.11 -0.19 6.94
N PHE A 128 20.92 -0.13 7.99
CA PHE A 128 21.57 -1.36 8.52
C PHE A 128 20.52 -2.20 9.25
N LEU A 129 20.42 -3.48 8.90
CA LEU A 129 19.43 -4.39 9.56
C LEU A 129 20.13 -5.70 9.93
N GLN A 130 20.16 -6.04 11.22
CA GLN A 130 20.80 -7.31 11.67
C GLN A 130 20.04 -8.49 11.04
N THR A 131 18.71 -8.38 10.93
CA THR A 131 17.90 -9.48 10.35
C THR A 131 17.72 -9.26 8.85
N HIS A 132 18.20 -10.20 8.03
CA HIS A 132 18.07 -10.10 6.56
C HIS A 132 16.60 -10.26 6.16
N ILE A 133 15.89 -11.19 6.80
CA ILE A 133 14.46 -11.45 6.45
C ILE A 133 13.68 -10.14 6.59
N PHE A 134 13.90 -9.42 7.68
CA PHE A 134 13.19 -8.13 7.91
C PHE A 134 13.57 -7.14 6.81
N ALA A 135 14.80 -7.24 6.29
CA ALA A 135 15.27 -6.27 5.27
C ALA A 135 14.33 -6.30 4.05
N GLU A 136 14.04 -7.50 3.52
CA GLU A 136 13.15 -7.62 2.34
C GLU A 136 11.77 -7.09 2.71
N VAL A 137 11.27 -7.48 3.89
CA VAL A 137 9.92 -7.03 4.34
C VAL A 137 9.92 -5.49 4.37
N LEU A 138 10.96 -4.89 4.95
CA LEU A 138 11.04 -3.41 5.05
C LEU A 138 11.05 -2.82 3.65
N LYS A 139 11.88 -3.37 2.75
CA LYS A 139 11.98 -2.85 1.36
C LYS A 139 10.61 -2.96 0.70
N ASP A 140 9.94 -4.10 0.84
CA ASP A 140 8.62 -4.32 0.21
C ASP A 140 7.64 -3.28 0.76
N ALA A 141 7.65 -3.07 2.08
CA ALA A 141 6.76 -2.07 2.70
C ALA A 141 7.07 -0.69 2.10
N ILE A 142 8.35 -0.35 2.01
CA ILE A 142 8.76 0.96 1.43
C ILE A 142 8.20 1.06 0.01
N LYS A 143 8.39 0.01 -0.79
CA LYS A 143 7.92 0.03 -2.21
C LYS A 143 6.41 0.22 -2.24
N ASP A 144 5.67 -0.55 -1.43
CA ASP A 144 4.19 -0.47 -1.44
C ASP A 144 3.76 0.94 -1.05
N LEU A 145 4.30 1.46 0.06
CA LEU A 145 3.92 2.82 0.54
C LEU A 145 4.32 3.84 -0.52
N VAL A 146 5.53 3.73 -1.06
CA VAL A 146 6.03 4.68 -2.09
C VAL A 146 5.09 4.62 -3.30
N MET A 147 4.72 3.42 -3.73
CA MET A 147 3.83 3.25 -4.91
C MET A 147 2.48 3.92 -4.64
N THR A 148 1.88 3.65 -3.48
CA THR A 148 0.58 4.26 -3.12
C THR A 148 0.76 5.78 -3.00
N LYS A 149 1.96 6.22 -2.63
CA LYS A 149 2.23 7.69 -2.47
C LYS A 149 2.30 8.34 -3.87
N PRO A 150 2.29 9.68 -3.97
CA PRO A 150 2.30 10.36 -5.27
C PRO A 150 3.57 10.08 -6.08
N ALA A 151 3.61 10.53 -7.34
CA ALA A 151 4.77 10.26 -8.22
C ALA A 151 6.08 10.64 -7.53
N PRO A 152 6.25 11.85 -6.96
CA PRO A 152 7.53 12.25 -6.37
C PRO A 152 7.97 11.19 -5.36
N THR A 153 7.07 10.77 -4.47
CA THR A 153 7.39 9.70 -3.49
C THR A 153 7.57 8.38 -4.25
N CYS A 154 6.73 8.15 -5.26
CA CYS A 154 6.80 6.88 -6.05
C CYS A 154 8.17 6.81 -6.72
N ASN A 155 8.76 7.96 -7.06
CA ASN A 155 10.09 8.00 -7.72
C ASN A 155 11.11 7.28 -6.83
N ILE A 156 10.96 7.40 -5.51
CA ILE A 156 11.91 6.75 -4.56
C ILE A 156 12.00 5.26 -4.90
N ARG A 157 13.21 4.72 -4.99
CA ARG A 157 13.40 3.27 -5.27
C ARG A 157 14.24 2.67 -4.13
N VAL A 158 13.98 1.39 -3.79
CA VAL A 158 14.71 0.76 -2.65
C VAL A 158 15.12 -0.67 -3.04
N THR A 159 16.36 -1.06 -2.72
CA THR A 159 16.84 -2.44 -3.02
C THR A 159 17.61 -2.96 -1.80
N VAL A 160 17.39 -4.23 -1.43
CA VAL A 160 18.07 -4.82 -0.24
C VAL A 160 19.58 -4.86 -0.50
N CYS A 161 20.39 -4.62 0.52
CA CYS A 161 21.87 -4.67 0.39
C CYS A 161 22.43 -5.85 1.19
N SER A 162 23.40 -6.57 0.62
CA SER A 162 24.03 -7.70 1.34
C SER A 162 25.52 -7.43 1.54
N PHE A 163 25.97 -7.33 2.79
CA PHE A 163 27.42 -7.12 3.07
C PHE A 163 28.08 -8.49 3.18
N ASP A 164 29.13 -8.74 2.38
CA ASP A 164 29.80 -10.07 2.37
C ASP A 164 30.20 -10.45 3.79
N ASP A 165 30.89 -9.54 4.49
CA ASP A 165 31.36 -9.83 5.88
C ASP A 165 30.59 -8.93 6.84
N GLY A 166 29.57 -8.23 6.36
CA GLY A 166 28.80 -7.30 7.21
C GLY A 166 29.57 -6.00 7.40
N VAL A 167 28.94 -5.01 8.05
CA VAL A 167 29.64 -3.72 8.34
C VAL A 167 29.91 -3.65 9.84
N ASP A 168 31.18 -3.51 10.24
CA ASP A 168 31.53 -3.46 11.68
C ASP A 168 31.30 -2.05 12.21
N LEU A 169 30.03 -1.71 12.50
CA LEU A 169 29.71 -0.38 13.08
C LEU A 169 30.47 -0.23 14.40
N PRO A 170 31.05 0.95 14.71
CA PRO A 170 31.85 1.12 15.92
C PRO A 170 30.98 0.94 17.18
N PRO A 171 31.46 0.23 18.21
CA PRO A 171 30.69 0.07 19.45
C PRO A 171 30.28 1.44 20.00
N TRP A 172 28.98 1.65 20.20
CA TRP A 172 28.48 2.95 20.70
C TRP A 172 28.89 3.15 22.16
N PHE A 173 29.19 4.39 22.55
CA PHE A 173 29.53 4.69 23.97
C PHE A 173 28.36 5.40 24.63
N PRO A 174 27.75 4.84 25.69
CA PRO A 174 26.67 5.52 26.41
C PRO A 174 27.23 6.80 27.04
N PRO A 175 26.55 7.97 26.88
CA PRO A 175 27.07 9.23 27.40
C PRO A 175 27.17 9.21 28.93
N MET A 176 28.21 9.85 29.49
CA MET A 176 28.38 9.90 30.96
C MET A 176 27.03 10.14 31.63
N GLY B 17 52.50 26.51 4.11
CA GLY B 17 51.31 26.83 3.31
C GLY B 17 50.93 25.70 2.37
N ASP B 18 50.23 26.01 1.28
CA ASP B 18 49.76 24.96 0.34
C ASP B 18 50.09 25.36 -1.11
N GLY B 19 49.07 25.69 -1.91
CA GLY B 19 49.31 26.01 -3.33
C GLY B 19 50.58 26.81 -3.52
N GLY B 20 50.77 27.87 -2.73
CA GLY B 20 51.97 28.72 -2.84
C GLY B 20 52.92 28.51 -1.68
N ARG B 21 52.73 27.44 -0.91
CA ARG B 21 53.59 27.16 0.28
C ARG B 21 53.32 28.21 1.35
N ARG B 22 52.45 29.18 1.05
CA ARG B 22 52.13 30.26 2.02
C ARG B 22 50.61 30.44 2.08
N LYS B 23 49.93 30.29 0.94
CA LYS B 23 48.45 30.46 0.89
C LYS B 23 47.82 29.48 1.88
N LYS B 24 48.38 28.29 1.99
CA LYS B 24 47.84 27.26 2.92
C LYS B 24 46.34 27.10 2.64
N GLY B 25 45.97 26.86 1.38
CA GLY B 25 44.55 26.64 1.04
C GLY B 25 43.96 27.77 0.21
N GLY B 26 42.65 27.73 0.00
CA GLY B 26 41.97 28.75 -0.84
C GLY B 26 40.90 28.11 -1.70
N TRP B 27 40.38 28.83 -2.69
CA TRP B 27 39.39 28.24 -3.63
C TRP B 27 40.10 27.79 -4.90
N PHE B 28 40.35 26.49 -5.03
CA PHE B 28 41.07 25.95 -6.23
C PHE B 28 40.06 25.29 -7.17
N GLY B 29 38.78 25.61 -7.05
CA GLY B 29 37.76 24.96 -7.87
C GLY B 29 37.70 23.47 -7.58
N LYS B 30 37.89 22.64 -8.61
CA LYS B 30 37.91 21.16 -8.42
C LYS B 30 36.71 20.78 -7.54
N HIS B 31 35.49 21.00 -8.06
CA HIS B 31 34.26 20.72 -7.26
C HIS B 31 34.21 19.25 -6.84
N ARG B 32 33.38 18.92 -5.85
CA ARG B 32 33.29 17.52 -5.35
C ARG B 32 33.11 16.58 -6.54
N GLY B 33 33.95 15.54 -6.63
CA GLY B 33 33.86 14.58 -7.75
C GLY B 33 34.83 14.94 -8.87
N GLN B 34 35.30 16.19 -8.88
CA GLN B 34 36.30 16.63 -9.91
C GLN B 34 37.70 16.26 -9.42
N GLY B 35 37.98 14.96 -9.27
CA GLY B 35 39.30 14.52 -8.77
C GLY B 35 40.31 14.38 -9.89
N GLY B 36 41.58 14.68 -9.61
CA GLY B 36 42.64 14.55 -10.62
C GLY B 36 43.82 13.75 -10.10
N SER B 37 44.49 13.00 -10.97
CA SER B 37 45.63 12.14 -10.53
C SER B 37 46.78 13.02 -10.03
N ASN B 38 47.32 12.72 -8.84
CA ASN B 38 48.50 13.45 -8.33
C ASN B 38 49.53 12.41 -7.87
N PRO B 39 50.83 12.77 -7.70
CA PRO B 39 51.84 11.77 -7.35
C PRO B 39 51.32 10.80 -6.28
N LYS B 40 50.80 11.32 -5.17
CA LYS B 40 50.31 10.46 -4.07
C LYS B 40 49.19 9.55 -4.58
N PHE B 41 48.13 10.13 -5.14
CA PHE B 41 46.97 9.34 -5.62
C PHE B 41 47.43 8.42 -6.77
N GLU B 42 48.30 8.94 -7.64
CA GLU B 42 48.81 8.14 -8.77
C GLU B 42 49.57 6.92 -8.23
N ASN B 43 50.40 7.14 -7.19
CA ASN B 43 51.16 6.02 -6.57
C ASN B 43 50.16 5.02 -5.97
N ILE B 44 49.15 5.51 -5.25
CA ILE B 44 48.11 4.62 -4.67
C ILE B 44 47.44 3.87 -5.81
N ALA B 45 47.06 4.60 -6.87
CA ALA B 45 46.39 3.98 -8.04
C ALA B 45 47.33 2.94 -8.65
N GLU B 46 48.61 3.28 -8.78
CA GLU B 46 49.61 2.35 -9.38
C GLU B 46 49.64 1.06 -8.55
N GLY B 47 49.72 1.17 -7.23
CA GLY B 47 49.73 -0.02 -6.36
C GLY B 47 48.44 -0.81 -6.54
N LEU B 48 47.30 -0.13 -6.50
CA LEU B 48 46.00 -0.81 -6.68
C LEU B 48 45.96 -1.46 -8.07
N ARG B 49 46.48 -0.75 -9.09
CA ARG B 49 46.48 -1.29 -10.47
C ARG B 49 47.28 -2.59 -10.51
N ALA B 50 48.44 -2.62 -9.87
CA ALA B 50 49.26 -3.86 -9.82
C ALA B 50 48.45 -4.97 -9.14
N LEU B 51 47.78 -4.64 -8.04
CA LEU B 51 46.95 -5.63 -7.30
C LEU B 51 45.80 -6.09 -8.21
N LEU B 52 45.18 -5.15 -8.93
CA LEU B 52 44.10 -5.52 -9.89
C LEU B 52 44.69 -6.41 -10.98
N ALA B 53 45.91 -6.10 -11.43
CA ALA B 53 46.57 -6.89 -12.49
C ALA B 53 46.75 -8.34 -11.99
N ARG B 54 46.81 -8.53 -10.68
CA ARG B 54 46.96 -9.90 -10.10
C ARG B 54 45.86 -10.80 -10.67
N SER B 55 44.63 -10.29 -10.75
CA SER B 55 43.48 -11.10 -11.26
C SER B 55 42.90 -10.45 -12.52
N HIS B 56 42.92 -11.17 -13.65
CA HIS B 56 42.35 -10.64 -14.92
C HIS B 56 40.83 -10.85 -14.93
N VAL B 57 40.06 -9.75 -14.91
CA VAL B 57 38.56 -9.86 -14.89
C VAL B 57 37.98 -8.65 -15.63
N GLU B 58 36.77 -8.80 -16.18
CA GLU B 58 36.09 -7.69 -16.89
C GLU B 58 35.60 -6.66 -15.85
N ARG B 59 35.50 -5.39 -16.24
CA ARG B 59 35.00 -4.34 -15.31
C ARG B 59 33.61 -3.87 -15.75
N THR B 60 33.43 -3.59 -17.04
CA THR B 60 32.13 -3.06 -17.54
C THR B 60 31.29 -4.22 -18.09
N THR B 61 30.15 -4.49 -17.45
CA THR B 61 29.24 -5.60 -17.89
C THR B 61 28.54 -5.20 -19.19
N ASP B 62 28.07 -6.19 -19.96
CA ASP B 62 27.36 -5.91 -21.23
C ASP B 62 26.11 -5.06 -20.93
N GLU B 63 25.35 -5.45 -19.91
CA GLU B 63 24.11 -4.70 -19.53
C GLU B 63 24.52 -3.41 -18.79
N GLY B 64 25.80 -3.28 -18.44
CA GLY B 64 26.28 -2.06 -17.75
C GLY B 64 25.48 -1.78 -16.50
N THR B 65 25.14 -2.84 -15.73
CA THR B 65 24.31 -2.67 -14.52
C THR B 65 25.20 -2.79 -13.27
N TRP B 66 25.22 -1.75 -12.43
CA TRP B 66 26.06 -1.76 -11.21
C TRP B 66 25.37 -2.62 -10.14
N VAL B 67 25.42 -3.95 -10.30
CA VAL B 67 24.75 -4.87 -9.34
C VAL B 67 25.71 -5.20 -8.20
N ALA B 68 26.98 -4.79 -8.31
CA ALA B 68 27.98 -5.09 -7.27
C ALA B 68 28.56 -3.77 -6.72
N GLY B 69 29.03 -3.80 -5.46
CA GLY B 69 29.61 -2.59 -4.84
C GLY B 69 30.74 -2.94 -3.88
N VAL B 70 31.78 -2.10 -3.83
CA VAL B 70 32.92 -2.32 -2.90
C VAL B 70 32.80 -1.31 -1.75
N PHE B 71 32.22 -1.73 -0.63
CA PHE B 71 31.97 -0.78 0.50
C PHE B 71 33.25 -0.62 1.34
N VAL B 72 34.00 0.46 1.11
CA VAL B 72 35.21 0.73 1.94
C VAL B 72 34.76 1.51 3.18
N TYR B 73 35.39 1.25 4.34
CA TYR B 73 34.97 1.92 5.60
C TYR B 73 36.12 1.91 6.60
N GLY B 74 35.86 2.41 7.82
CA GLY B 74 36.91 2.43 8.86
C GLY B 74 38.07 3.31 8.46
N GLY B 75 39.28 2.99 8.96
CA GLY B 75 40.47 3.79 8.63
C GLY B 75 40.32 5.23 9.06
N SER B 76 40.90 6.16 8.29
CA SER B 76 40.78 7.61 8.60
C SER B 76 40.39 8.36 7.33
N LYS B 77 39.75 9.53 7.47
CA LYS B 77 39.29 10.29 6.28
C LYS B 77 40.50 10.57 5.37
N THR B 78 41.63 10.97 5.96
CA THR B 78 42.84 11.27 5.16
C THR B 78 43.25 10.01 4.38
N SER B 79 43.26 8.85 5.06
CA SER B 79 43.61 7.57 4.39
C SER B 79 42.53 7.20 3.37
N LEU B 80 41.26 7.34 3.75
CA LEU B 80 40.15 6.93 2.85
C LEU B 80 40.13 7.80 1.59
N TYR B 81 40.26 9.13 1.75
CA TYR B 81 40.18 10.04 0.59
C TYR B 81 41.30 9.71 -0.40
N ASN B 82 42.53 9.52 0.12
CA ASN B 82 43.68 9.18 -0.75
C ASN B 82 43.38 7.84 -1.45
N LEU B 83 42.89 6.85 -0.70
CA LEU B 83 42.55 5.53 -1.29
C LEU B 83 41.48 5.73 -2.36
N ARG B 84 40.45 6.51 -2.07
CA ARG B 84 39.35 6.75 -3.03
C ARG B 84 39.92 7.38 -4.30
N ARG B 85 40.74 8.43 -4.16
CA ARG B 85 41.34 9.11 -5.34
C ARG B 85 42.17 8.09 -6.13
N GLY B 86 43.01 7.32 -5.43
CA GLY B 86 43.83 6.30 -6.10
C GLY B 86 42.96 5.26 -6.78
N THR B 87 41.90 4.81 -6.11
CA THR B 87 41.00 3.78 -6.68
C THR B 87 40.42 4.29 -8.00
N ALA B 88 40.02 5.56 -8.04
CA ALA B 88 39.44 6.16 -9.27
C ALA B 88 40.46 6.05 -10.40
N LEU B 89 41.70 6.49 -10.15
CA LEU B 89 42.76 6.44 -11.19
C LEU B 89 43.05 4.98 -11.52
N ALA B 90 43.09 4.11 -10.51
CA ALA B 90 43.41 2.68 -10.74
C ALA B 90 42.32 2.03 -11.60
N ILE B 91 41.05 2.37 -11.35
CA ILE B 91 39.93 1.72 -12.09
C ILE B 91 39.08 2.79 -12.77
N PRO B 92 39.30 3.11 -14.07
CA PRO B 92 38.45 4.05 -14.79
C PRO B 92 37.06 3.45 -15.01
N GLN B 93 36.98 2.13 -15.16
CA GLN B 93 35.67 1.45 -15.40
C GLN B 93 35.01 1.12 -14.06
N CYS B 94 34.55 2.14 -13.33
CA CYS B 94 33.86 1.92 -12.04
C CYS B 94 33.27 3.24 -11.55
N ARG B 95 32.57 3.24 -10.41
CA ARG B 95 32.01 4.49 -9.84
C ARG B 95 32.32 4.54 -8.34
N LEU B 96 32.59 5.75 -7.81
CA LEU B 96 32.94 5.90 -6.37
C LEU B 96 31.91 6.78 -5.67
N THR B 97 31.70 6.57 -4.37
CA THR B 97 30.74 7.40 -3.59
C THR B 97 31.52 8.36 -2.68
N PRO B 98 31.07 9.62 -2.51
CA PRO B 98 31.73 10.55 -1.59
C PRO B 98 31.83 9.93 -0.18
N LEU B 99 32.93 10.19 0.53
CA LEU B 99 33.13 9.61 1.88
C LEU B 99 31.93 9.92 2.76
N SER B 100 31.41 8.91 3.47
CA SER B 100 30.27 9.11 4.40
C SER B 100 30.62 8.48 5.75
N ARG B 101 29.91 8.84 6.82
CA ARG B 101 30.26 8.31 8.17
C ARG B 101 29.25 7.25 8.61
N LEU B 102 29.74 6.10 9.08
CA LEU B 102 28.84 5.01 9.54
C LEU B 102 28.08 5.46 10.79
N PRO B 103 26.86 4.96 11.05
CA PRO B 103 26.12 5.31 12.26
C PRO B 103 26.70 4.57 13.48
N PHE B 104 26.35 5.02 14.70
CA PHE B 104 26.86 4.37 15.93
C PHE B 104 26.47 2.89 15.94
N GLY B 105 27.37 2.03 16.40
CA GLY B 105 27.09 0.58 16.46
C GLY B 105 26.11 0.24 17.57
N MET B 106 26.61 -0.31 18.69
CA MET B 106 25.73 -0.73 19.81
C MET B 106 26.40 -0.40 21.15
N ALA B 107 25.61 -0.10 22.18
CA ALA B 107 26.16 0.19 23.52
C ALA B 107 26.83 -1.07 24.06
N PRO B 108 27.99 -0.97 24.76
CA PRO B 108 28.71 -2.15 25.24
C PRO B 108 27.90 -2.87 26.32
N GLY B 109 27.61 -4.15 26.12
CA GLY B 109 26.82 -4.92 27.10
C GLY B 109 25.56 -4.18 27.51
N PRO B 110 25.33 -3.94 28.82
CA PRO B 110 24.16 -3.18 29.27
C PRO B 110 24.37 -1.68 29.05
N GLY B 111 23.29 -0.90 29.09
CA GLY B 111 23.39 0.56 28.88
C GLY B 111 22.48 1.04 27.77
N PRO B 112 22.28 2.37 27.60
CA PRO B 112 21.36 2.88 26.57
C PRO B 112 21.92 2.71 25.16
N GLN B 113 21.18 2.03 24.27
CA GLN B 113 21.62 1.84 22.87
C GLN B 113 21.45 3.17 22.12
N PRO B 114 22.29 3.46 21.09
CA PRO B 114 22.16 4.68 20.32
C PRO B 114 20.96 4.60 19.37
N GLY B 115 20.45 5.75 18.90
CA GLY B 115 19.34 5.76 17.93
C GLY B 115 19.80 5.34 16.55
N PRO B 116 18.90 4.87 15.66
CA PRO B 116 19.28 4.51 14.29
C PRO B 116 19.93 5.71 13.58
N LEU B 117 19.37 6.91 13.76
CA LEU B 117 19.95 8.12 13.13
C LEU B 117 21.36 8.34 13.67
N ARG B 118 21.59 8.04 14.96
CA ARG B 118 22.93 8.28 15.57
C ARG B 118 24.01 7.68 14.68
N GLU B 119 24.98 8.50 14.26
CA GLU B 119 26.07 8.03 13.36
C GLU B 119 27.42 8.28 14.04
N SER B 120 28.42 7.44 13.73
CA SER B 120 29.76 7.58 14.35
C SER B 120 30.66 8.49 13.51
N ILE B 121 31.86 8.80 14.01
CA ILE B 121 32.82 9.65 13.25
C ILE B 121 33.47 8.79 12.16
N VAL B 122 33.40 7.46 12.30
CA VAL B 122 34.04 6.54 11.31
C VAL B 122 33.57 6.90 9.91
N CYS B 123 34.51 7.07 8.96
CA CYS B 123 34.17 7.45 7.57
C CYS B 123 34.17 6.20 6.69
N TYR B 124 33.57 6.28 5.50
CA TYR B 124 33.50 5.11 4.59
C TYR B 124 33.16 5.58 3.16
N PHE B 125 33.44 4.74 2.16
CA PHE B 125 33.06 5.08 0.76
C PHE B 125 32.89 3.77 -0.03
N MET B 126 31.78 3.64 -0.75
CA MET B 126 31.50 2.37 -1.50
C MET B 126 31.87 2.55 -2.97
N VAL B 127 32.41 1.50 -3.60
CA VAL B 127 32.82 1.58 -5.04
C VAL B 127 31.83 0.76 -5.87
N PHE B 128 31.07 1.42 -6.75
CA PHE B 128 30.06 0.71 -7.59
C PHE B 128 30.76 0.00 -8.74
N LEU B 129 30.62 -1.32 -8.82
CA LEU B 129 31.22 -2.10 -9.95
C LEU B 129 30.13 -2.94 -10.60
N GLN B 130 29.92 -2.78 -11.91
CA GLN B 130 28.82 -3.51 -12.60
C GLN B 130 29.01 -5.03 -12.41
N THR B 131 30.26 -5.49 -12.34
CA THR B 131 30.53 -6.95 -12.23
C THR B 131 30.91 -7.31 -10.79
N HIS B 132 30.30 -8.38 -10.25
CA HIS B 132 30.62 -8.84 -8.88
C HIS B 132 32.05 -9.40 -8.84
N ILE B 133 32.46 -10.10 -9.91
CA ILE B 133 33.80 -10.76 -9.93
C ILE B 133 34.87 -9.68 -9.71
N PHE B 134 34.84 -8.62 -10.52
CA PHE B 134 35.86 -7.54 -10.40
C PHE B 134 35.69 -6.83 -9.06
N ALA B 135 34.44 -6.73 -8.57
CA ALA B 135 34.21 -6.10 -7.24
C ALA B 135 35.02 -6.85 -6.19
N GLU B 136 34.97 -8.19 -6.23
CA GLU B 136 35.75 -9.02 -5.28
C GLU B 136 37.24 -8.72 -5.49
N VAL B 137 37.67 -8.66 -6.75
CA VAL B 137 39.11 -8.40 -7.07
C VAL B 137 39.51 -7.06 -6.45
N LEU B 138 38.69 -6.02 -6.65
CA LEU B 138 39.02 -4.68 -6.12
C LEU B 138 39.12 -4.73 -4.60
N LYS B 139 38.15 -5.40 -3.95
CA LYS B 139 38.15 -5.50 -2.46
C LYS B 139 39.46 -6.12 -2.02
N ASP B 140 39.87 -7.22 -2.66
CA ASP B 140 41.16 -7.88 -2.33
C ASP B 140 42.30 -6.88 -2.52
N ALA B 141 42.32 -6.19 -3.67
CA ALA B 141 43.40 -5.21 -3.96
C ALA B 141 43.42 -4.12 -2.87
N ILE B 142 42.25 -3.58 -2.54
CA ILE B 142 42.19 -2.49 -1.51
C ILE B 142 42.80 -3.02 -0.21
N LYS B 143 42.41 -4.23 0.20
CA LYS B 143 42.94 -4.82 1.46
C LYS B 143 44.46 -4.93 1.36
N ASP B 144 44.96 -5.40 0.21
CA ASP B 144 46.43 -5.60 0.05
C ASP B 144 47.14 -4.26 0.26
N LEU B 145 46.73 -3.21 -0.45
CA LEU B 145 47.40 -1.88 -0.35
C LEU B 145 47.21 -1.33 1.07
N VAL B 146 45.99 -1.46 1.61
CA VAL B 146 45.69 -0.95 2.98
C VAL B 146 46.60 -1.69 3.98
N MET B 147 46.71 -3.01 3.84
CA MET B 147 47.57 -3.80 4.76
C MET B 147 49.02 -3.36 4.58
N THR B 148 49.46 -3.16 3.33
CA THR B 148 50.86 -2.75 3.05
C THR B 148 51.15 -1.43 3.76
N LYS B 149 50.19 -0.50 3.75
CA LYS B 149 50.40 0.82 4.39
C LYS B 149 50.76 0.62 5.85
N PRO B 150 51.95 1.07 6.32
CA PRO B 150 52.32 0.98 7.73
C PRO B 150 51.74 2.15 8.52
N ALA B 151 51.29 3.19 7.81
CA ALA B 151 50.68 4.37 8.47
C ALA B 151 49.29 3.99 8.99
N PRO B 152 48.54 4.90 9.66
CA PRO B 152 47.17 4.60 10.09
C PRO B 152 46.27 4.44 8.86
N THR B 153 46.65 3.55 7.94
CA THR B 153 45.84 3.29 6.73
C THR B 153 45.37 1.83 6.77
N CYS B 154 46.13 0.96 7.43
CA CYS B 154 45.74 -0.47 7.55
C CYS B 154 44.42 -0.56 8.31
N ASN B 155 44.09 0.47 9.10
CA ASN B 155 42.82 0.50 9.86
C ASN B 155 41.64 0.46 8.88
N ILE B 156 41.85 0.97 7.66
CA ILE B 156 40.76 0.99 6.64
C ILE B 156 40.22 -0.43 6.44
N ARG B 157 38.90 -0.58 6.32
CA ARG B 157 38.28 -1.91 6.10
C ARG B 157 37.32 -1.81 4.91
N VAL B 158 37.01 -2.95 4.27
CA VAL B 158 36.12 -2.94 3.07
C VAL B 158 35.21 -4.17 3.12
N THR B 159 34.00 -4.06 2.55
CA THR B 159 33.06 -5.21 2.48
C THR B 159 32.36 -5.21 1.13
N VAL B 160 32.00 -6.38 0.60
CA VAL B 160 31.32 -6.47 -0.72
C VAL B 160 29.83 -6.19 -0.54
N CYS B 161 29.28 -5.28 -1.35
CA CYS B 161 27.82 -4.98 -1.30
C CYS B 161 27.14 -5.54 -2.56
N SER B 162 26.52 -6.72 -2.45
CA SER B 162 25.84 -7.34 -3.63
C SER B 162 24.43 -6.78 -3.77
N PHE B 163 24.19 -5.96 -4.79
CA PHE B 163 22.84 -5.39 -5.03
C PHE B 163 22.04 -6.35 -5.91
N ASP B 164 21.13 -7.13 -5.32
CA ASP B 164 20.34 -8.12 -6.09
C ASP B 164 19.59 -7.38 -7.21
N ASP B 165 18.92 -6.29 -6.87
CA ASP B 165 18.23 -5.48 -7.91
C ASP B 165 19.28 -4.79 -8.79
N GLY B 166 20.39 -4.37 -8.19
CA GLY B 166 21.46 -3.68 -8.94
C GLY B 166 21.28 -2.17 -8.88
N VAL B 167 22.11 -1.48 -8.09
CA VAL B 167 21.95 -0.01 -7.92
C VAL B 167 21.85 0.63 -9.31
N ASP B 168 20.80 1.42 -9.54
CA ASP B 168 20.60 2.07 -10.86
C ASP B 168 21.33 3.42 -10.89
N LEU B 169 22.66 3.40 -11.04
CA LEU B 169 23.42 4.68 -11.16
C LEU B 169 22.90 5.43 -12.38
N PRO B 170 22.72 6.77 -12.33
CA PRO B 170 22.15 7.51 -13.45
C PRO B 170 22.97 7.32 -14.73
N PRO B 171 22.50 6.51 -15.71
CA PRO B 171 23.29 6.23 -16.91
C PRO B 171 23.25 7.42 -17.88
N TRP B 172 23.41 8.64 -17.34
CA TRP B 172 23.39 9.85 -18.20
C TRP B 172 24.81 10.37 -18.40
N PHE B 173 25.11 11.57 -17.91
CA PHE B 173 26.45 12.17 -18.12
C PHE B 173 26.79 12.14 -19.63
N PRO B 174 26.08 12.91 -20.47
CA PRO B 174 26.37 12.97 -21.90
C PRO B 174 27.44 14.03 -22.18
N PRO B 175 27.80 14.30 -23.45
CA PRO B 175 28.74 15.38 -23.76
C PRO B 175 28.03 16.73 -23.60
N MET B 176 27.43 16.97 -22.43
CA MET B 176 26.67 18.22 -22.18
C MET B 176 27.59 19.42 -22.46
N VAL B 177 28.84 19.34 -22.03
CA VAL B 177 29.83 20.43 -22.28
C VAL B 177 29.80 20.76 -23.77
N GLU B 178 29.67 22.05 -24.11
CA GLU B 178 29.61 22.46 -25.54
C GLU B 178 30.68 21.72 -26.34
N PRO C 1 -19.89 32.09 -8.52
CA PRO C 1 -19.96 31.38 -9.81
C PRO C 1 -20.71 30.05 -9.65
N ALA C 2 -20.58 29.15 -10.63
CA ALA C 2 -21.23 27.82 -10.53
C ALA C 2 -20.70 27.12 -9.28
N ASP C 3 -19.39 27.20 -9.04
CA ASP C 3 -18.79 26.59 -7.83
C ASP C 3 -19.24 27.35 -6.58
N ASP C 4 -19.46 28.67 -6.72
CA ASP C 4 -19.83 29.51 -5.55
C ASP C 4 -21.10 30.31 -5.85
N PRO C 5 -22.26 29.65 -6.07
CA PRO C 5 -23.50 30.37 -6.41
C PRO C 5 -24.17 30.98 -5.17
N GLY C 6 -24.22 32.31 -5.10
CA GLY C 6 -24.87 33.00 -3.96
C GLY C 6 -23.93 33.97 -3.26
N GLU C 7 -24.48 35.04 -2.67
CA GLU C 7 -23.65 36.03 -1.96
C GLU C 7 -23.06 35.40 -0.69
N GLY C 8 -23.90 34.68 0.06
CA GLY C 8 -23.42 34.00 1.29
C GLY C 8 -23.99 32.59 1.40
N PRO C 9 -23.68 31.68 0.46
CA PRO C 9 -24.15 30.29 0.54
C PRO C 9 -23.08 29.39 1.17
N SER C 10 -23.23 28.07 0.99
CA SER C 10 -22.20 27.12 1.50
C SER C 10 -21.23 26.81 0.36
N THR C 11 -21.09 27.74 -0.59
CA THR C 11 -20.20 27.53 -1.76
C THR C 11 -19.25 28.73 -1.90
N GLY C 12 -17.94 28.47 -2.02
CA GLY C 12 -16.96 29.56 -2.22
C GLY C 12 -16.20 29.89 -0.96
N PRO C 13 -15.45 31.02 -0.92
CA PRO C 13 -14.71 31.43 0.28
C PRO C 13 -15.66 31.72 1.45
N ARG C 14 -16.98 31.71 1.18
CA ARG C 14 -17.99 31.98 2.24
C ARG C 14 -17.97 33.48 2.57
N GLY C 15 -17.29 34.29 1.75
CA GLY C 15 -17.26 35.75 1.97
C GLY C 15 -18.67 36.33 1.94
N GLN C 16 -19.01 37.16 2.93
CA GLN C 16 -20.38 37.73 3.01
C GLN C 16 -21.40 36.59 2.91
N GLY C 17 -21.10 35.45 3.52
CA GLY C 17 -22.00 34.28 3.46
C GLY C 17 -22.97 34.24 4.63
N ASP C 18 -24.22 34.61 4.38
CA ASP C 18 -25.26 34.58 5.45
C ASP C 18 -25.44 33.14 5.93
N GLY C 19 -25.49 32.19 4.99
CA GLY C 19 -25.65 30.77 5.35
C GLY C 19 -25.29 29.86 4.20
N GLY C 20 -26.29 29.39 3.45
CA GLY C 20 -26.04 28.52 2.28
C GLY C 20 -27.19 28.55 1.29
N ARG C 21 -26.90 28.40 -0.01
CA ARG C 21 -27.95 28.37 -1.04
C ARG C 21 -27.45 27.58 -2.25
N ARG C 22 -28.31 26.74 -2.85
CA ARG C 22 -27.92 25.91 -4.01
C ARG C 22 -26.46 25.46 -3.85
N LYS C 23 -26.16 24.75 -2.76
CA LYS C 23 -24.76 24.35 -2.48
C LYS C 23 -24.56 22.87 -2.83
N LYS C 24 -24.93 21.97 -1.91
CA LYS C 24 -24.72 20.52 -2.14
C LYS C 24 -26.07 19.87 -2.49
N GLY C 25 -27.17 20.44 -2.01
CA GLY C 25 -28.50 19.85 -2.24
C GLY C 25 -28.96 20.02 -3.68
N GLY C 26 -29.95 19.22 -4.10
CA GLY C 26 -30.49 19.32 -5.48
C GLY C 26 -30.57 17.96 -6.14
N TRP C 27 -31.49 17.82 -7.11
CA TRP C 27 -31.63 16.53 -7.84
C TRP C 27 -30.77 16.56 -9.11
N PHE C 28 -29.65 15.84 -9.11
CA PHE C 28 -28.74 15.81 -10.29
C PHE C 28 -29.32 14.88 -11.36
N GLY C 29 -28.87 15.03 -12.61
CA GLY C 29 -29.35 14.17 -13.70
C GLY C 29 -28.65 12.82 -13.66
N LYS C 30 -28.88 12.05 -12.60
CA LYS C 30 -28.21 10.73 -12.45
C LYS C 30 -29.19 9.74 -11.80
N HIS C 31 -28.94 8.44 -11.95
CA HIS C 31 -29.84 7.41 -11.39
C HIS C 31 -29.02 6.19 -10.94
N ARG C 32 -29.64 5.27 -10.18
CA ARG C 32 -28.93 4.06 -9.72
C ARG C 32 -28.33 3.34 -10.94
N GLY C 33 -27.05 2.96 -10.86
CA GLY C 33 -26.37 2.32 -11.99
C GLY C 33 -25.84 3.35 -12.97
N GLN C 34 -26.22 4.62 -12.80
CA GLN C 34 -25.74 5.71 -13.68
C GLN C 34 -24.81 6.63 -12.87
N GLY C 35 -23.52 6.65 -13.21
CA GLY C 35 -22.55 7.48 -12.46
C GLY C 35 -21.47 8.02 -13.36
N GLY C 36 -20.70 9.02 -12.88
CA GLY C 36 -19.62 9.62 -13.68
C GLY C 36 -18.29 9.62 -12.94
N SER C 37 -17.17 9.66 -13.67
CA SER C 37 -15.83 9.63 -13.03
C SER C 37 -15.66 10.85 -12.13
N ASN C 38 -15.19 10.64 -10.89
CA ASN C 38 -14.98 11.75 -9.93
C ASN C 38 -13.51 11.78 -9.50
N PRO C 39 -12.83 12.95 -9.53
CA PRO C 39 -11.40 13.01 -9.20
C PRO C 39 -11.05 12.24 -7.91
N LYS C 40 -11.87 12.37 -6.87
CA LYS C 40 -11.62 11.60 -5.62
C LYS C 40 -11.61 10.10 -5.96
N PHE C 41 -12.66 9.63 -6.63
CA PHE C 41 -12.73 8.20 -7.03
C PHE C 41 -11.60 7.91 -8.01
N GLU C 42 -11.28 8.87 -8.88
CA GLU C 42 -10.20 8.68 -9.88
C GLU C 42 -8.88 8.43 -9.15
N ASN C 43 -8.58 9.25 -8.14
CA ASN C 43 -7.32 9.08 -7.36
C ASN C 43 -7.34 7.70 -6.69
N ILE C 44 -8.46 7.34 -6.09
CA ILE C 44 -8.59 6.00 -5.45
C ILE C 44 -8.34 4.94 -6.54
N ALA C 45 -8.96 5.12 -7.70
CA ALA C 45 -8.79 4.15 -8.81
C ALA C 45 -7.31 4.07 -9.20
N GLU C 46 -6.64 5.22 -9.28
CA GLU C 46 -5.20 5.23 -9.67
C GLU C 46 -4.40 4.35 -8.71
N GLY C 47 -4.62 4.52 -7.40
CA GLY C 47 -3.91 3.69 -6.41
C GLY C 47 -4.25 2.22 -6.62
N LEU C 48 -5.54 1.91 -6.81
CA LEU C 48 -5.96 0.51 -7.03
C LEU C 48 -5.28 -0.04 -8.28
N ARG C 49 -5.24 0.77 -9.35
CA ARG C 49 -4.62 0.33 -10.63
C ARG C 49 -3.14 -0.02 -10.39
N ALA C 50 -2.43 0.84 -9.65
CA ALA C 50 -0.99 0.59 -9.37
C ALA C 50 -0.85 -0.72 -8.59
N LEU C 51 -1.69 -0.93 -7.58
CA LEU C 51 -1.64 -2.16 -6.77
C LEU C 51 -1.99 -3.36 -7.67
N LEU C 52 -2.98 -3.20 -8.54
CA LEU C 52 -3.35 -4.29 -9.49
C LEU C 52 -2.17 -4.50 -10.45
N ALA C 53 -1.48 -3.43 -10.84
CA ALA C 53 -0.33 -3.53 -11.77
C ALA C 53 0.75 -4.41 -11.13
N ARG C 54 0.88 -4.38 -9.80
CA ARG C 54 1.88 -5.23 -9.12
C ARG C 54 1.75 -6.66 -9.65
N SER C 55 0.52 -7.13 -9.86
CA SER C 55 0.29 -8.49 -10.40
C SER C 55 -0.71 -8.42 -11.55
N HIS C 56 -0.25 -8.04 -12.75
CA HIS C 56 -1.14 -8.00 -13.93
C HIS C 56 -1.76 -9.38 -14.15
N VAL C 57 -3.09 -9.47 -14.21
CA VAL C 57 -3.78 -10.78 -14.36
C VAL C 57 -4.97 -10.62 -15.31
N GLU C 58 -5.53 -11.73 -15.79
CA GLU C 58 -6.71 -11.68 -16.70
C GLU C 58 -7.83 -10.90 -16.00
N ARG C 59 -8.54 -10.05 -16.75
CA ARG C 59 -9.64 -9.23 -16.16
C ARG C 59 -10.94 -9.55 -16.91
N THR C 60 -10.88 -10.42 -17.91
CA THR C 60 -12.09 -10.81 -18.69
C THR C 60 -11.95 -12.26 -19.15
N THR C 61 -13.07 -12.96 -19.36
CA THR C 61 -13.03 -14.38 -19.79
C THR C 61 -13.91 -14.57 -21.03
N ASP C 62 -13.62 -15.58 -21.84
CA ASP C 62 -14.44 -15.88 -23.05
C ASP C 62 -15.87 -16.17 -22.60
N GLU C 63 -16.03 -16.99 -21.57
CA GLU C 63 -17.39 -17.30 -21.03
C GLU C 63 -17.99 -16.01 -20.46
N GLY C 64 -17.17 -15.18 -19.81
CA GLY C 64 -17.65 -13.91 -19.24
C GLY C 64 -18.60 -14.15 -18.08
N THR C 65 -18.62 -15.37 -17.55
CA THR C 65 -19.50 -15.71 -16.39
C THR C 65 -19.02 -14.94 -15.16
N TRP C 66 -19.95 -14.29 -14.45
CA TRP C 66 -19.58 -13.50 -13.24
C TRP C 66 -19.45 -14.45 -12.04
N VAL C 67 -18.73 -15.56 -12.22
CA VAL C 67 -18.52 -16.55 -11.12
C VAL C 67 -17.65 -15.92 -10.03
N ALA C 68 -16.70 -15.06 -10.42
CA ALA C 68 -15.80 -14.40 -9.45
C ALA C 68 -16.57 -13.30 -8.72
N GLY C 69 -16.25 -13.06 -7.45
CA GLY C 69 -16.92 -12.02 -6.66
C GLY C 69 -16.04 -11.55 -5.51
N VAL C 70 -16.46 -10.48 -4.81
CA VAL C 70 -15.68 -9.99 -3.63
C VAL C 70 -16.68 -9.41 -2.62
N PHE C 71 -16.32 -9.41 -1.33
CA PHE C 71 -17.24 -8.90 -0.28
C PHE C 71 -16.60 -7.72 0.44
N VAL C 72 -16.91 -6.50 0.00
CA VAL C 72 -16.35 -5.28 0.66
C VAL C 72 -17.33 -4.83 1.74
N TYR C 73 -17.04 -5.17 3.01
CA TYR C 73 -17.96 -4.83 4.12
C TYR C 73 -17.19 -4.07 5.21
N GLY C 74 -17.92 -3.37 6.08
CA GLY C 74 -17.27 -2.64 7.19
C GLY C 74 -16.92 -1.21 6.80
N GLY C 75 -16.07 -0.55 7.58
CA GLY C 75 -15.69 0.85 7.30
C GLY C 75 -16.90 1.78 7.40
N SER C 76 -17.00 2.75 6.50
CA SER C 76 -18.13 3.72 6.52
C SER C 76 -18.79 3.77 5.13
N LYS C 77 -20.08 4.10 5.08
CA LYS C 77 -20.81 4.15 3.79
C LYS C 77 -20.07 5.10 2.84
N THR C 78 -19.64 6.26 3.34
CA THR C 78 -18.90 7.24 2.51
C THR C 78 -17.67 6.54 1.93
N SER C 79 -16.87 5.90 2.79
CA SER C 79 -15.63 5.21 2.32
C SER C 79 -16.00 4.10 1.35
N LEU C 80 -17.03 3.30 1.68
CA LEU C 80 -17.45 2.17 0.81
C LEU C 80 -17.87 2.71 -0.56
N TYR C 81 -18.71 3.75 -0.58
CA TYR C 81 -19.20 4.31 -1.86
C TYR C 81 -18.02 4.84 -2.67
N ASN C 82 -17.12 5.58 -2.01
CA ASN C 82 -15.93 6.14 -2.70
C ASN C 82 -15.10 4.99 -3.29
N LEU C 83 -14.86 3.94 -2.48
CA LEU C 83 -14.07 2.77 -2.95
C LEU C 83 -14.81 2.12 -4.13
N ARG C 84 -16.12 1.96 -4.01
CA ARG C 84 -16.92 1.31 -5.09
C ARG C 84 -16.76 2.11 -6.39
N ARG C 85 -16.98 3.43 -6.33
CA ARG C 85 -16.89 4.27 -7.55
C ARG C 85 -15.46 4.19 -8.10
N GLY C 86 -14.46 4.28 -7.22
CA GLY C 86 -13.05 4.19 -7.66
C GLY C 86 -12.76 2.84 -8.28
N THR C 87 -13.30 1.77 -7.70
CA THR C 87 -13.11 0.40 -8.24
C THR C 87 -13.68 0.33 -9.66
N ALA C 88 -14.83 0.97 -9.88
CA ALA C 88 -15.45 0.99 -11.23
C ALA C 88 -14.48 1.67 -12.20
N LEU C 89 -13.93 2.83 -11.82
CA LEU C 89 -12.99 3.56 -12.70
C LEU C 89 -11.72 2.72 -12.92
N ALA C 90 -11.18 2.15 -11.84
CA ALA C 90 -9.94 1.34 -11.95
C ALA C 90 -10.22 0.05 -12.72
N ILE C 91 -11.34 -0.61 -12.43
CA ILE C 91 -11.66 -1.91 -13.08
C ILE C 91 -12.89 -1.73 -13.99
N PRO C 92 -12.72 -1.57 -15.32
CA PRO C 92 -13.86 -1.46 -16.22
C PRO C 92 -14.57 -2.81 -16.35
N GLN C 93 -13.81 -3.90 -16.40
CA GLN C 93 -14.40 -5.26 -16.54
C GLN C 93 -14.84 -5.77 -15.17
N CYS C 94 -15.89 -5.16 -14.60
CA CYS C 94 -16.40 -5.58 -13.28
C CYS C 94 -17.87 -5.15 -13.13
N ARG C 95 -18.57 -5.72 -12.15
CA ARG C 95 -19.99 -5.32 -11.89
C ARG C 95 -20.13 -4.95 -10.42
N LEU C 96 -20.66 -3.76 -10.12
CA LEU C 96 -20.74 -3.29 -8.71
C LEU C 96 -22.20 -3.35 -8.24
N THR C 97 -22.48 -4.19 -7.23
CA THR C 97 -23.86 -4.26 -6.68
C THR C 97 -24.13 -2.99 -5.85
N PRO C 98 -25.37 -2.46 -5.81
CA PRO C 98 -25.68 -1.30 -4.99
C PRO C 98 -25.32 -1.58 -3.52
N LEU C 99 -24.82 -0.57 -2.81
CA LEU C 99 -24.42 -0.76 -1.39
C LEU C 99 -25.60 -1.34 -0.60
N SER C 100 -25.35 -2.34 0.24
CA SER C 100 -26.43 -3.00 1.01
C SER C 100 -26.05 -3.07 2.49
N ARG C 101 -27.00 -3.45 3.37
CA ARG C 101 -26.72 -3.51 4.82
C ARG C 101 -26.64 -4.97 5.28
N LEU C 102 -25.56 -5.33 5.99
CA LEU C 102 -25.39 -6.72 6.50
C LEU C 102 -26.36 -6.97 7.65
N PRO C 103 -26.81 -8.22 7.90
CA PRO C 103 -27.66 -8.52 9.06
C PRO C 103 -26.78 -8.74 10.31
N PHE C 104 -27.37 -8.65 11.49
CA PHE C 104 -26.59 -8.83 12.75
C PHE C 104 -26.08 -10.27 12.86
N GLY C 105 -24.89 -10.45 13.43
CA GLY C 105 -24.33 -11.80 13.62
C GLY C 105 -24.78 -12.43 14.92
N MET C 106 -24.24 -13.61 15.26
CA MET C 106 -24.68 -14.32 16.49
C MET C 106 -24.59 -13.38 17.69
N ALA C 107 -25.63 -13.36 18.53
CA ALA C 107 -25.60 -12.53 19.76
C ALA C 107 -24.67 -13.20 20.79
N PRO C 108 -23.60 -12.52 21.25
CA PRO C 108 -22.64 -13.13 22.17
C PRO C 108 -23.34 -13.71 23.41
N GLY C 109 -22.89 -14.88 23.87
CA GLY C 109 -23.49 -15.52 25.06
C GLY C 109 -24.88 -16.05 24.78
N PRO C 110 -25.70 -16.33 25.82
CA PRO C 110 -27.07 -16.82 25.62
C PRO C 110 -28.03 -15.68 25.27
N GLY C 111 -27.50 -14.44 25.21
CA GLY C 111 -28.35 -13.28 24.90
C GLY C 111 -29.20 -13.51 23.66
N PRO C 112 -30.49 -13.14 23.66
CA PRO C 112 -31.38 -13.41 22.53
C PRO C 112 -30.67 -13.16 21.20
N GLN C 113 -30.58 -14.19 20.35
CA GLN C 113 -29.93 -14.05 19.02
C GLN C 113 -30.80 -13.20 18.11
N PRO C 114 -30.23 -12.29 17.28
CA PRO C 114 -31.00 -11.44 16.38
C PRO C 114 -31.65 -12.27 15.26
N GLY C 115 -32.82 -11.83 14.77
CA GLY C 115 -33.54 -12.57 13.72
C GLY C 115 -32.81 -12.53 12.39
N PRO C 116 -33.08 -13.47 11.45
CA PRO C 116 -32.47 -13.44 10.13
C PRO C 116 -32.85 -12.13 9.40
N LEU C 117 -34.11 -11.72 9.50
CA LEU C 117 -34.56 -10.46 8.85
C LEU C 117 -33.84 -9.26 9.48
N ARG C 118 -33.47 -9.38 10.75
CA ARG C 118 -32.74 -8.28 11.44
C ARG C 118 -31.52 -7.91 10.60
N GLU C 119 -31.34 -6.61 10.31
CA GLU C 119 -30.19 -6.16 9.48
C GLU C 119 -29.33 -5.17 10.27
N SER C 120 -28.02 -5.42 10.34
CA SER C 120 -27.10 -4.49 11.04
C SER C 120 -26.90 -3.23 10.20
N ILE C 121 -26.45 -2.14 10.82
CA ILE C 121 -26.21 -0.86 10.10
C ILE C 121 -25.00 -1.04 9.16
N VAL C 122 -24.15 -2.03 9.42
CA VAL C 122 -22.93 -2.25 8.59
C VAL C 122 -23.32 -2.31 7.12
N CYS C 123 -22.68 -1.49 6.28
CA CYS C 123 -22.99 -1.48 4.82
C CYS C 123 -21.94 -2.33 4.08
N TYR C 124 -22.29 -2.83 2.89
CA TYR C 124 -21.35 -3.66 2.11
C TYR C 124 -21.77 -3.68 0.63
N PHE C 125 -20.81 -3.75 -0.28
CA PHE C 125 -21.13 -3.83 -1.73
C PHE C 125 -20.32 -4.98 -2.35
N MET C 126 -20.94 -5.74 -3.27
CA MET C 126 -20.26 -6.91 -3.88
C MET C 126 -19.84 -6.57 -5.32
N VAL C 127 -18.67 -7.07 -5.75
CA VAL C 127 -18.17 -6.80 -7.13
C VAL C 127 -18.15 -8.12 -7.91
N PHE C 128 -18.80 -8.14 -9.09
CA PHE C 128 -18.82 -9.37 -9.93
C PHE C 128 -17.65 -9.34 -10.90
N LEU C 129 -16.90 -10.44 -10.99
CA LEU C 129 -15.76 -10.53 -11.95
C LEU C 129 -15.89 -11.82 -12.76
N GLN C 130 -15.33 -11.84 -13.98
CA GLN C 130 -15.42 -13.05 -14.85
C GLN C 130 -14.37 -14.07 -14.41
N THR C 131 -13.28 -13.61 -13.80
CA THR C 131 -12.19 -14.53 -13.38
C THR C 131 -11.83 -14.28 -11.91
N HIS C 132 -11.72 -15.35 -11.11
CA HIS C 132 -11.34 -15.20 -9.68
C HIS C 132 -9.89 -14.72 -9.58
N ILE C 133 -9.05 -15.11 -10.55
CA ILE C 133 -7.60 -14.73 -10.50
C ILE C 133 -7.50 -13.23 -10.22
N PHE C 134 -8.21 -12.41 -10.99
CA PHE C 134 -8.18 -10.94 -10.79
C PHE C 134 -8.85 -10.59 -9.46
N ALA C 135 -9.86 -11.37 -9.06
CA ALA C 135 -10.61 -11.06 -7.81
C ALA C 135 -9.64 -10.99 -6.63
N GLU C 136 -8.77 -12.00 -6.48
CA GLU C 136 -7.83 -12.03 -5.33
C GLU C 136 -6.90 -10.81 -5.42
N VAL C 137 -6.36 -10.54 -6.60
CA VAL C 137 -5.45 -9.37 -6.79
C VAL C 137 -6.23 -8.11 -6.42
N LEU C 138 -7.48 -8.00 -6.88
CA LEU C 138 -8.30 -6.79 -6.60
C LEU C 138 -8.47 -6.66 -5.08
N LYS C 139 -8.84 -7.75 -4.40
CA LYS C 139 -9.06 -7.71 -2.93
C LYS C 139 -7.75 -7.29 -2.26
N ASP C 140 -6.63 -7.87 -2.68
CA ASP C 140 -5.30 -7.53 -2.07
C ASP C 140 -5.06 -6.03 -2.27
N ALA C 141 -5.30 -5.53 -3.47
CA ALA C 141 -5.11 -4.08 -3.75
C ALA C 141 -5.99 -3.27 -2.79
N ILE C 142 -7.27 -3.63 -2.68
CA ILE C 142 -8.21 -2.88 -1.81
C ILE C 142 -7.68 -2.92 -0.36
N LYS C 143 -7.31 -4.10 0.12
CA LYS C 143 -6.84 -4.25 1.52
C LYS C 143 -5.57 -3.41 1.73
N ASP C 144 -4.60 -3.55 0.82
CA ASP C 144 -3.33 -2.79 0.93
C ASP C 144 -3.65 -1.30 0.91
N LEU C 145 -4.55 -0.87 0.03
CA LEU C 145 -4.91 0.57 -0.09
C LEU C 145 -5.55 1.04 1.22
N VAL C 146 -6.54 0.30 1.74
CA VAL C 146 -7.26 0.75 2.97
C VAL C 146 -6.26 0.79 4.14
N MET C 147 -5.32 -0.17 4.19
CA MET C 147 -4.35 -0.21 5.30
C MET C 147 -3.57 1.10 5.35
N THR C 148 -3.09 1.56 4.19
CA THR C 148 -2.34 2.84 4.11
C THR C 148 -3.24 3.98 4.59
N LYS C 149 -4.53 3.90 4.26
CA LYS C 149 -5.49 4.97 4.64
C LYS C 149 -5.68 4.97 6.15
N PRO C 150 -5.40 6.09 6.86
CA PRO C 150 -5.63 6.17 8.31
C PRO C 150 -7.12 6.43 8.57
N ALA C 151 -7.87 6.73 7.50
CA ALA C 151 -9.33 6.99 7.64
C ALA C 151 -10.07 5.69 7.93
N PRO C 152 -11.40 5.71 8.19
CA PRO C 152 -12.15 4.47 8.40
C PRO C 152 -11.96 3.50 7.22
N THR C 153 -11.35 3.97 6.14
CA THR C 153 -11.09 3.10 4.96
C THR C 153 -10.42 1.81 5.45
N CYS C 154 -9.43 1.94 6.34
CA CYS C 154 -8.72 0.75 6.87
C CYS C 154 -9.73 -0.18 7.57
N ASN C 155 -10.75 0.40 8.21
CA ASN C 155 -11.78 -0.41 8.92
C ASN C 155 -12.47 -1.33 7.91
N ILE C 156 -12.63 -0.86 6.66
CA ILE C 156 -13.33 -1.68 5.61
C ILE C 156 -12.64 -3.05 5.52
N ARG C 157 -13.43 -4.13 5.45
CA ARG C 157 -12.87 -5.49 5.32
C ARG C 157 -13.34 -6.09 3.99
N VAL C 158 -12.43 -6.76 3.26
CA VAL C 158 -12.81 -7.30 1.91
C VAL C 158 -12.48 -8.79 1.85
N THR C 159 -13.45 -9.62 1.45
CA THR C 159 -13.19 -11.09 1.30
C THR C 159 -13.74 -11.54 -0.06
N VAL C 160 -12.90 -12.19 -0.87
CA VAL C 160 -13.32 -12.61 -2.24
C VAL C 160 -14.54 -13.54 -2.13
N CYS C 161 -15.57 -13.32 -2.96
CA CYS C 161 -16.77 -14.20 -2.97
C CYS C 161 -16.68 -15.17 -4.15
N SER C 162 -17.23 -16.37 -3.98
CA SER C 162 -17.22 -17.38 -5.08
C SER C 162 -18.65 -17.83 -5.38
N PHE C 163 -19.04 -17.82 -6.66
CA PHE C 163 -20.40 -18.29 -7.06
C PHE C 163 -20.25 -19.55 -7.92
N ASP C 164 -20.60 -20.71 -7.37
CA ASP C 164 -20.43 -21.99 -8.11
C ASP C 164 -21.18 -21.90 -9.44
N ASP C 165 -22.45 -21.50 -9.40
CA ASP C 165 -23.26 -21.36 -10.65
C ASP C 165 -22.81 -20.10 -11.39
N GLY C 166 -22.48 -19.04 -10.64
CA GLY C 166 -22.10 -17.76 -11.27
C GLY C 166 -23.32 -16.91 -11.54
N VAL C 167 -23.48 -15.81 -10.79
CA VAL C 167 -24.69 -14.95 -10.94
C VAL C 167 -24.87 -14.61 -12.43
N ASP C 168 -26.06 -14.85 -12.97
CA ASP C 168 -26.33 -14.57 -14.41
C ASP C 168 -26.90 -13.15 -14.55
N LEU C 169 -26.04 -12.14 -14.65
CA LEU C 169 -26.49 -10.75 -14.84
C LEU C 169 -27.18 -10.62 -16.20
N PRO C 170 -28.27 -9.84 -16.34
CA PRO C 170 -29.01 -9.74 -17.59
C PRO C 170 -28.15 -9.13 -18.71
N PRO C 171 -28.18 -9.70 -19.94
CA PRO C 171 -27.36 -9.19 -21.04
C PRO C 171 -27.75 -7.73 -21.35
N TRP C 172 -26.75 -6.91 -21.72
CA TRP C 172 -27.02 -5.47 -21.98
C TRP C 172 -27.53 -5.30 -23.42
N PHE C 173 -28.51 -6.12 -23.81
CA PHE C 173 -29.12 -5.98 -25.17
C PHE C 173 -30.02 -4.74 -25.22
N PRO C 174 -30.74 -4.34 -24.15
CA PRO C 174 -31.68 -3.22 -24.23
C PRO C 174 -31.17 -2.05 -25.08
N PRO C 175 -29.95 -1.50 -24.85
CA PRO C 175 -29.49 -0.34 -25.59
C PRO C 175 -29.56 -0.63 -27.10
N MET C 176 -30.24 0.23 -27.86
CA MET C 176 -30.39 0.02 -29.33
C MET C 176 -30.80 -1.42 -29.59
N GLN D 16 -58.49 1.47 1.34
CA GLN D 16 -58.76 2.24 2.59
C GLN D 16 -58.30 1.42 3.80
N GLY D 17 -57.15 0.76 3.68
CA GLY D 17 -56.64 -0.09 4.78
C GLY D 17 -57.76 -0.93 5.37
N ASP D 18 -58.48 -1.69 4.52
CA ASP D 18 -59.63 -2.50 4.98
C ASP D 18 -60.85 -1.60 5.13
N GLY D 19 -61.97 -1.95 4.48
CA GLY D 19 -63.19 -1.11 4.53
C GLY D 19 -63.79 -0.93 3.15
N GLY D 20 -64.28 0.28 2.85
CA GLY D 20 -64.88 0.56 1.53
C GLY D 20 -63.94 0.14 0.42
N ARG D 21 -62.78 0.78 0.31
CA ARG D 21 -61.77 0.34 -0.69
C ARG D 21 -61.12 -0.95 -0.16
N ARG D 22 -61.00 -1.06 1.17
CA ARG D 22 -60.40 -2.26 1.79
C ARG D 22 -59.02 -2.49 1.16
N LYS D 23 -58.21 -1.44 1.08
CA LYS D 23 -56.82 -1.58 0.53
C LYS D 23 -55.86 -0.80 1.43
N LYS D 24 -54.89 -1.49 2.03
CA LYS D 24 -53.96 -0.82 2.99
C LYS D 24 -53.48 0.51 2.42
N GLY D 25 -53.65 1.60 3.18
CA GLY D 25 -53.19 2.92 2.74
C GLY D 25 -52.76 3.77 3.92
N GLY D 26 -51.46 4.08 4.02
CA GLY D 26 -50.96 4.93 5.12
C GLY D 26 -49.72 4.35 5.77
N TRP D 27 -49.41 4.77 7.01
CA TRP D 27 -48.20 4.29 7.72
C TRP D 27 -48.59 3.13 8.65
N PHE D 28 -48.04 1.94 8.42
CA PHE D 28 -48.40 0.75 9.24
C PHE D 28 -47.60 0.77 10.55
N GLY D 29 -46.55 1.60 10.61
CA GLY D 29 -45.71 1.68 11.81
C GLY D 29 -44.69 0.56 11.87
N LYS D 30 -44.62 -0.26 10.82
CA LYS D 30 -43.63 -1.37 10.76
C LYS D 30 -42.28 -0.80 10.33
N HIS D 31 -41.21 -1.59 10.44
CA HIS D 31 -39.85 -1.14 10.05
C HIS D 31 -39.06 -2.31 9.47
N ARG D 32 -37.98 -2.01 8.73
CA ARG D 32 -37.17 -3.07 8.09
C ARG D 32 -36.72 -4.08 9.16
N GLY D 33 -36.86 -5.38 8.88
CA GLY D 33 -36.44 -6.42 9.84
C GLY D 33 -37.56 -6.83 10.77
N GLN D 34 -38.64 -6.04 10.83
CA GLN D 34 -39.79 -6.37 11.71
C GLN D 34 -40.74 -7.31 10.97
N GLY D 35 -40.24 -8.47 10.52
CA GLY D 35 -41.07 -9.43 9.76
C GLY D 35 -41.80 -10.38 10.68
N GLY D 36 -43.13 -10.36 10.67
CA GLY D 36 -43.94 -11.25 11.53
C GLY D 36 -44.16 -12.60 10.87
N SER D 37 -44.83 -13.52 11.56
CA SER D 37 -45.12 -14.86 11.00
C SER D 37 -46.40 -14.82 10.16
N ASN D 38 -46.39 -14.07 9.06
CA ASN D 38 -47.58 -14.01 8.16
C ASN D 38 -47.99 -15.43 7.78
N PRO D 39 -49.27 -15.83 7.91
CA PRO D 39 -49.70 -17.20 7.62
C PRO D 39 -49.27 -17.60 6.20
N LYS D 40 -49.42 -16.69 5.23
CA LYS D 40 -48.98 -16.98 3.84
C LYS D 40 -47.47 -17.25 3.85
N PHE D 41 -46.69 -16.35 4.48
CA PHE D 41 -45.23 -16.54 4.56
C PHE D 41 -44.93 -17.79 5.38
N GLU D 42 -45.73 -18.03 6.42
CA GLU D 42 -45.53 -19.24 7.27
C GLU D 42 -45.76 -20.49 6.42
N ASN D 43 -46.76 -20.44 5.52
CA ASN D 43 -47.01 -21.59 4.61
C ASN D 43 -45.79 -21.77 3.71
N ILE D 44 -45.27 -20.67 3.16
CA ILE D 44 -44.04 -20.75 2.32
C ILE D 44 -42.92 -21.32 3.20
N ALA D 45 -42.80 -20.83 4.43
CA ALA D 45 -41.79 -21.34 5.37
C ALA D 45 -42.05 -22.83 5.63
N GLU D 46 -43.32 -23.20 5.78
CA GLU D 46 -43.69 -24.61 6.02
C GLU D 46 -43.16 -25.47 4.87
N GLY D 47 -43.38 -25.02 3.63
CA GLY D 47 -42.86 -25.76 2.46
C GLY D 47 -41.34 -25.85 2.54
N LEU D 48 -40.68 -24.72 2.76
CA LEU D 48 -39.19 -24.71 2.88
C LEU D 48 -38.79 -25.63 4.02
N ARG D 49 -39.51 -25.57 5.14
CA ARG D 49 -39.18 -26.40 6.32
C ARG D 49 -39.25 -27.88 5.93
N ALA D 50 -40.35 -28.29 5.28
CA ALA D 50 -40.49 -29.70 4.85
C ALA D 50 -39.32 -30.05 3.92
N LEU D 51 -38.98 -29.15 3.00
CA LEU D 51 -37.88 -29.40 2.04
C LEU D 51 -36.57 -29.55 2.80
N LEU D 52 -36.24 -28.58 3.67
CA LEU D 52 -34.95 -28.60 4.41
C LEU D 52 -34.99 -29.75 5.43
N ALA D 53 -36.19 -30.11 5.90
CA ALA D 53 -36.33 -31.22 6.87
C ALA D 53 -35.78 -32.50 6.23
N ARG D 54 -35.95 -32.64 4.91
CA ARG D 54 -35.46 -33.84 4.20
C ARG D 54 -33.95 -34.00 4.45
N SER D 55 -33.20 -32.90 4.40
CA SER D 55 -31.73 -32.95 4.65
C SER D 55 -31.40 -32.21 5.96
N HIS D 56 -31.33 -32.95 7.06
CA HIS D 56 -31.02 -32.33 8.38
C HIS D 56 -29.53 -31.96 8.45
N VAL D 57 -29.22 -30.74 8.89
CA VAL D 57 -27.81 -30.28 9.01
C VAL D 57 -27.77 -29.05 9.94
N GLU D 58 -26.71 -28.93 10.75
CA GLU D 58 -26.59 -27.77 11.67
C GLU D 58 -26.67 -26.48 10.86
N ARG D 59 -27.52 -25.54 11.29
CA ARG D 59 -27.68 -24.25 10.57
C ARG D 59 -26.49 -23.33 10.89
N THR D 60 -26.14 -23.20 12.17
CA THR D 60 -25.00 -22.35 12.58
C THR D 60 -24.14 -23.11 13.61
N THR D 61 -22.82 -23.15 13.39
CA THR D 61 -21.91 -23.90 14.32
C THR D 61 -21.56 -23.01 15.52
N ASP D 62 -20.79 -23.54 16.47
CA ASP D 62 -20.46 -22.78 17.70
C ASP D 62 -19.47 -21.64 17.38
N GLU D 63 -18.77 -21.74 16.25
CA GLU D 63 -17.76 -20.70 15.90
C GLU D 63 -18.43 -19.33 15.76
N GLY D 64 -19.74 -19.31 15.49
CA GLY D 64 -20.45 -18.04 15.28
C GLY D 64 -19.86 -17.28 14.09
N THR D 65 -19.43 -18.00 13.05
CA THR D 65 -18.78 -17.35 11.88
C THR D 65 -19.67 -17.55 10.64
N TRP D 66 -20.15 -16.45 10.05
CA TRP D 66 -21.00 -16.54 8.83
C TRP D 66 -20.10 -16.72 7.60
N VAL D 67 -19.58 -17.93 7.38
CA VAL D 67 -18.64 -18.18 6.26
C VAL D 67 -19.44 -18.62 5.02
N ALA D 68 -20.72 -18.99 5.20
CA ALA D 68 -21.52 -19.49 4.06
C ALA D 68 -22.62 -18.47 3.71
N GLY D 69 -23.02 -18.43 2.44
CA GLY D 69 -24.09 -17.51 2.00
C GLY D 69 -25.02 -18.18 1.01
N VAL D 70 -26.27 -17.71 0.92
CA VAL D 70 -27.26 -18.28 -0.04
C VAL D 70 -27.82 -17.14 -0.89
N PHE D 71 -27.07 -16.73 -1.92
CA PHE D 71 -27.51 -15.60 -2.79
C PHE D 71 -28.81 -16.00 -3.51
N VAL D 72 -29.82 -15.12 -3.48
CA VAL D 72 -31.10 -15.39 -4.19
C VAL D 72 -31.40 -14.20 -5.10
N TYR D 73 -32.08 -14.45 -6.23
CA TYR D 73 -32.39 -13.36 -7.20
C TYR D 73 -33.41 -13.87 -8.23
N GLY D 74 -33.56 -13.17 -9.34
CA GLY D 74 -34.48 -13.60 -10.41
C GLY D 74 -35.94 -13.51 -9.98
N GLY D 75 -36.84 -14.14 -10.73
CA GLY D 75 -38.28 -14.12 -10.39
C GLY D 75 -38.81 -12.69 -10.31
N SER D 76 -39.57 -12.38 -9.26
CA SER D 76 -40.13 -11.02 -9.08
C SER D 76 -39.94 -10.58 -7.63
N LYS D 77 -39.91 -9.26 -7.39
CA LYS D 77 -39.69 -8.75 -6.01
C LYS D 77 -40.74 -9.36 -5.09
N THR D 78 -41.99 -9.43 -5.55
CA THR D 78 -43.07 -10.04 -4.74
C THR D 78 -42.69 -11.49 -4.40
N SER D 79 -42.30 -12.26 -5.42
CA SER D 79 -41.91 -13.69 -5.20
C SER D 79 -40.68 -13.74 -4.31
N LEU D 80 -39.68 -12.89 -4.59
CA LEU D 80 -38.41 -12.90 -3.80
C LEU D 80 -38.72 -12.57 -2.34
N TYR D 81 -39.51 -11.51 -2.10
CA TYR D 81 -39.83 -11.09 -0.71
C TYR D 81 -40.58 -12.23 -0.01
N ASN D 82 -41.53 -12.85 -0.72
CA ASN D 82 -42.31 -13.97 -0.13
C ASN D 82 -41.34 -15.09 0.26
N LEU D 83 -40.43 -15.44 -0.65
CA LEU D 83 -39.43 -16.50 -0.36
C LEU D 83 -38.57 -16.07 0.84
N ARG D 84 -38.13 -14.82 0.86
CA ARG D 84 -37.28 -14.31 1.96
C ARG D 84 -38.04 -14.42 3.28
N ARG D 85 -39.30 -13.99 3.30
CA ARG D 85 -40.12 -14.03 4.54
C ARG D 85 -40.25 -15.49 4.99
N GLY D 86 -40.57 -16.39 4.07
CA GLY D 86 -40.68 -17.83 4.41
C GLY D 86 -39.35 -18.36 4.93
N THR D 87 -38.25 -17.99 4.28
CA THR D 87 -36.90 -18.46 4.70
C THR D 87 -36.65 -18.03 6.15
N ALA D 88 -36.99 -16.78 6.49
CA ALA D 88 -36.78 -16.26 7.85
C ALA D 88 -37.58 -17.11 8.86
N LEU D 89 -38.86 -17.33 8.58
CA LEU D 89 -39.73 -18.11 9.50
C LEU D 89 -39.23 -19.55 9.56
N ALA D 90 -38.84 -20.11 8.41
CA ALA D 90 -38.35 -21.51 8.36
C ALA D 90 -37.00 -21.61 9.06
N ILE D 91 -36.12 -20.63 8.87
CA ILE D 91 -34.74 -20.72 9.45
C ILE D 91 -34.39 -19.40 10.16
N PRO D 92 -34.63 -19.27 11.49
CA PRO D 92 -34.21 -18.07 12.21
C PRO D 92 -32.70 -18.04 12.46
N GLN D 93 -32.06 -19.22 12.49
CA GLN D 93 -30.60 -19.31 12.75
C GLN D 93 -29.84 -18.54 11.68
N CYS D 94 -30.28 -18.63 10.42
CA CYS D 94 -29.59 -17.94 9.31
C CYS D 94 -29.83 -16.43 9.40
N ARG D 95 -29.18 -15.65 8.54
CA ARG D 95 -29.39 -14.18 8.50
C ARG D 95 -29.78 -13.77 7.08
N LEU D 96 -30.81 -12.93 6.94
CA LEU D 96 -31.30 -12.56 5.58
C LEU D 96 -30.84 -11.14 5.24
N THR D 97 -30.82 -10.79 3.95
CA THR D 97 -30.39 -9.43 3.52
C THR D 97 -31.53 -8.75 2.77
N PRO D 98 -31.72 -7.42 2.90
CA PRO D 98 -32.77 -6.70 2.17
C PRO D 98 -32.61 -6.90 0.65
N LEU D 99 -33.73 -6.99 -0.07
CA LEU D 99 -33.67 -7.21 -1.54
C LEU D 99 -32.90 -6.05 -2.19
N SER D 100 -32.04 -6.37 -3.17
CA SER D 100 -31.24 -5.34 -3.88
C SER D 100 -31.29 -5.59 -5.39
N ARG D 101 -30.89 -4.61 -6.20
CA ARG D 101 -30.97 -4.76 -7.69
C ARG D 101 -29.63 -5.24 -8.23
N LEU D 102 -29.62 -6.36 -8.96
CA LEU D 102 -28.37 -6.89 -9.57
C LEU D 102 -27.86 -5.89 -10.61
N PRO D 103 -26.54 -5.80 -10.88
CA PRO D 103 -26.02 -4.91 -11.92
C PRO D 103 -26.24 -5.51 -13.31
N PHE D 104 -26.12 -4.68 -14.36
CA PHE D 104 -26.35 -5.15 -15.74
C PHE D 104 -25.28 -6.18 -16.14
N GLY D 105 -25.63 -7.11 -17.02
CA GLY D 105 -24.65 -8.13 -17.49
C GLY D 105 -23.94 -7.69 -18.75
N MET D 106 -23.03 -8.52 -19.26
CA MET D 106 -22.25 -8.18 -20.48
C MET D 106 -23.22 -7.88 -21.63
N ALA D 107 -22.90 -6.86 -22.44
CA ALA D 107 -23.74 -6.54 -23.61
C ALA D 107 -23.57 -7.62 -24.68
N PRO D 108 -24.66 -8.31 -25.11
CA PRO D 108 -24.56 -9.33 -26.16
C PRO D 108 -24.27 -8.70 -27.52
N GLY D 109 -23.57 -9.43 -28.39
CA GLY D 109 -23.24 -8.92 -29.74
C GLY D 109 -22.03 -8.00 -29.70
N PRO D 110 -21.67 -7.34 -30.82
CA PRO D 110 -20.47 -6.49 -30.87
C PRO D 110 -20.67 -5.20 -30.05
N GLY D 111 -21.91 -4.91 -29.66
CA GLY D 111 -22.19 -3.70 -28.87
C GLY D 111 -21.34 -3.65 -27.61
N PRO D 112 -20.82 -2.47 -27.21
CA PRO D 112 -19.93 -2.37 -26.05
C PRO D 112 -20.67 -2.78 -24.78
N GLN D 113 -19.97 -3.40 -23.83
CA GLN D 113 -20.60 -3.88 -22.57
C GLN D 113 -20.98 -2.66 -21.70
N PRO D 114 -21.98 -2.76 -20.81
CA PRO D 114 -22.40 -1.64 -19.99
C PRO D 114 -21.40 -1.32 -18.87
N GLY D 115 -21.57 -0.19 -18.19
CA GLY D 115 -20.64 0.19 -17.10
C GLY D 115 -20.78 -0.72 -15.89
N PRO D 116 -19.74 -0.83 -15.03
CA PRO D 116 -19.83 -1.64 -13.82
C PRO D 116 -20.93 -1.13 -12.89
N LEU D 117 -21.05 0.20 -12.76
CA LEU D 117 -22.11 0.80 -11.91
C LEU D 117 -23.47 0.37 -12.44
N ARG D 118 -23.62 0.27 -13.77
CA ARG D 118 -24.93 -0.09 -14.38
C ARG D 118 -25.53 -1.29 -13.64
N GLU D 119 -26.75 -1.16 -13.13
CA GLU D 119 -27.42 -2.28 -12.42
C GLU D 119 -28.52 -2.85 -13.32
N SER D 120 -29.54 -3.47 -12.73
CA SER D 120 -30.66 -4.06 -13.51
C SER D 120 -31.90 -4.19 -12.62
N ILE D 121 -33.07 -4.38 -13.23
CA ILE D 121 -34.34 -4.51 -12.46
C ILE D 121 -34.27 -5.75 -11.58
N VAL D 122 -33.62 -6.81 -12.07
CA VAL D 122 -33.54 -8.10 -11.31
C VAL D 122 -33.20 -7.78 -9.85
N CYS D 123 -34.04 -8.23 -8.91
CA CYS D 123 -33.77 -8.02 -7.46
C CYS D 123 -33.06 -9.25 -6.90
N TYR D 124 -32.39 -9.11 -5.75
CA TYR D 124 -31.61 -10.25 -5.18
C TYR D 124 -31.48 -10.10 -3.66
N PHE D 125 -31.33 -11.23 -2.95
CA PHE D 125 -31.12 -11.21 -1.49
C PHE D 125 -30.36 -12.46 -1.09
N MET D 126 -29.31 -12.32 -0.27
CA MET D 126 -28.47 -13.50 0.10
C MET D 126 -28.79 -13.95 1.52
N VAL D 127 -28.76 -15.27 1.76
CA VAL D 127 -29.04 -15.81 3.13
C VAL D 127 -27.70 -16.20 3.78
N PHE D 128 -27.28 -15.47 4.80
CA PHE D 128 -26.00 -15.78 5.50
C PHE D 128 -26.20 -17.00 6.40
N LEU D 129 -25.31 -18.00 6.28
CA LEU D 129 -25.37 -19.21 7.13
C LEU D 129 -23.97 -19.56 7.62
N GLN D 130 -23.85 -20.08 8.84
CA GLN D 130 -22.53 -20.48 9.38
C GLN D 130 -22.12 -21.83 8.79
N THR D 131 -23.10 -22.63 8.33
CA THR D 131 -22.80 -23.97 7.78
C THR D 131 -23.00 -23.98 6.27
N HIS D 132 -21.94 -24.29 5.51
CA HIS D 132 -22.04 -24.36 4.02
C HIS D 132 -22.98 -25.52 3.63
N ILE D 133 -22.91 -26.64 4.36
CA ILE D 133 -23.76 -27.82 4.03
C ILE D 133 -25.22 -27.40 4.12
N PHE D 134 -25.60 -26.73 5.23
CA PHE D 134 -27.00 -26.28 5.40
C PHE D 134 -27.32 -25.22 4.35
N ALA D 135 -26.35 -24.37 4.02
CA ALA D 135 -26.56 -23.34 2.97
C ALA D 135 -26.93 -24.05 1.66
N GLU D 136 -26.20 -25.12 1.32
CA GLU D 136 -26.51 -25.90 0.09
C GLU D 136 -27.91 -26.50 0.22
N VAL D 137 -28.23 -27.07 1.39
CA VAL D 137 -29.58 -27.67 1.61
C VAL D 137 -30.64 -26.59 1.39
N LEU D 138 -30.41 -25.39 1.94
CA LEU D 138 -31.38 -24.28 1.80
C LEU D 138 -31.56 -23.96 0.31
N LYS D 139 -30.46 -23.87 -0.44
CA LYS D 139 -30.55 -23.58 -1.89
C LYS D 139 -31.41 -24.65 -2.56
N ASP D 140 -31.11 -25.92 -2.31
CA ASP D 140 -31.87 -27.02 -2.95
C ASP D 140 -33.35 -26.90 -2.55
N ALA D 141 -33.62 -26.70 -1.26
CA ALA D 141 -35.01 -26.59 -0.78
C ALA D 141 -35.69 -25.40 -1.48
N ILE D 142 -35.04 -24.24 -1.47
CA ILE D 142 -35.62 -23.03 -2.12
C ILE D 142 -35.86 -23.34 -3.59
N LYS D 143 -34.91 -24.01 -4.24
CA LYS D 143 -35.04 -24.33 -5.69
C LYS D 143 -36.28 -25.20 -5.90
N ASP D 144 -36.47 -26.21 -5.05
CA ASP D 144 -37.63 -27.13 -5.18
C ASP D 144 -38.93 -26.32 -5.01
N LEU D 145 -38.99 -25.47 -3.98
CA LEU D 145 -40.19 -24.62 -3.75
C LEU D 145 -40.36 -23.70 -4.96
N VAL D 146 -39.27 -23.09 -5.42
CA VAL D 146 -39.33 -22.18 -6.60
C VAL D 146 -39.89 -22.98 -7.79
N MET D 147 -39.38 -24.19 -8.00
CA MET D 147 -39.82 -25.02 -9.15
C MET D 147 -41.30 -25.38 -9.02
N THR D 148 -41.73 -25.82 -7.83
CA THR D 148 -43.15 -26.27 -7.66
C THR D 148 -44.08 -25.08 -7.92
N LYS D 149 -43.69 -23.87 -7.52
CA LYS D 149 -44.52 -22.66 -7.75
C LYS D 149 -44.37 -22.22 -9.21
N PRO D 150 -45.42 -22.33 -10.06
CA PRO D 150 -45.32 -21.97 -11.47
C PRO D 150 -45.35 -20.45 -11.68
N ALA D 151 -45.62 -19.69 -10.61
CA ALA D 151 -45.65 -18.22 -10.69
C ALA D 151 -44.23 -17.68 -10.91
N PRO D 152 -44.00 -16.35 -11.01
CA PRO D 152 -42.64 -15.82 -11.14
C PRO D 152 -41.73 -16.44 -10.08
N THR D 153 -42.31 -17.01 -9.03
CA THR D 153 -41.50 -17.72 -8.00
C THR D 153 -40.58 -18.73 -8.71
N CYS D 154 -41.10 -19.41 -9.74
CA CYS D 154 -40.26 -20.36 -10.52
C CYS D 154 -39.12 -19.59 -11.19
N ASN D 155 -39.38 -18.35 -11.61
CA ASN D 155 -38.34 -17.53 -12.28
C ASN D 155 -37.23 -17.20 -11.28
N ILE D 156 -37.53 -17.24 -9.99
CA ILE D 156 -36.51 -16.89 -8.94
C ILE D 156 -35.27 -17.75 -9.14
N ARG D 157 -34.08 -17.14 -9.05
CA ARG D 157 -32.81 -17.88 -9.21
C ARG D 157 -32.02 -17.80 -7.89
N VAL D 158 -31.42 -18.92 -7.46
CA VAL D 158 -30.69 -18.94 -6.16
C VAL D 158 -29.31 -19.56 -6.37
N THR D 159 -28.28 -19.02 -5.70
CA THR D 159 -26.92 -19.60 -5.79
C THR D 159 -26.24 -19.49 -4.43
N VAL D 160 -25.38 -20.45 -4.08
CA VAL D 160 -24.70 -20.45 -2.75
C VAL D 160 -23.44 -19.61 -2.85
N CYS D 161 -23.42 -18.44 -2.19
CA CYS D 161 -22.23 -17.54 -2.23
C CYS D 161 -21.32 -17.87 -1.04
N SER D 162 -20.38 -18.79 -1.23
CA SER D 162 -19.44 -19.19 -0.14
C SER D 162 -18.46 -18.05 0.13
N PHE D 163 -18.12 -17.81 1.41
CA PHE D 163 -17.13 -16.76 1.76
C PHE D 163 -15.87 -17.43 2.31
N ASP D 164 -14.75 -17.28 1.60
CA ASP D 164 -13.49 -17.94 2.03
C ASP D 164 -13.11 -17.44 3.43
N ASP D 165 -13.03 -16.12 3.62
CA ASP D 165 -12.70 -15.55 4.95
C ASP D 165 -13.91 -15.75 5.88
N GLY D 166 -15.13 -15.61 5.34
CA GLY D 166 -16.34 -15.75 6.17
C GLY D 166 -16.83 -14.39 6.63
N VAL D 167 -17.88 -13.86 5.99
CA VAL D 167 -18.39 -12.49 6.34
C VAL D 167 -18.64 -12.43 7.85
N ASP D 168 -18.07 -11.43 8.52
CA ASP D 168 -18.26 -11.27 9.98
C ASP D 168 -19.51 -10.41 10.23
N LEU D 169 -20.70 -10.99 10.05
CA LEU D 169 -21.95 -10.24 10.36
C LEU D 169 -21.83 -9.70 11.78
N PRO D 170 -22.07 -8.40 12.03
CA PRO D 170 -21.91 -7.82 13.37
C PRO D 170 -22.43 -8.78 14.44
N PRO D 171 -21.56 -9.59 15.09
CA PRO D 171 -22.02 -10.60 16.05
C PRO D 171 -22.37 -9.93 17.39
N TRP D 172 -23.35 -9.02 17.37
CA TRP D 172 -23.71 -8.29 18.61
C TRP D 172 -25.16 -8.61 19.00
N PHE D 173 -25.39 -8.89 20.28
CA PHE D 173 -26.78 -9.17 20.75
C PHE D 173 -27.67 -7.97 20.42
N PRO D 174 -28.89 -8.18 19.87
CA PRO D 174 -29.81 -7.08 19.62
C PRO D 174 -30.23 -6.48 20.97
N PRO D 175 -29.77 -5.26 21.33
CA PRO D 175 -30.08 -4.69 22.65
C PRO D 175 -31.58 -4.44 22.82
N MET D 176 -32.12 -4.77 24.00
CA MET D 176 -33.56 -4.55 24.28
C MET D 176 -34.40 -5.17 23.15
#